data_6D5L
#
_entry.id   6D5L
#
_cell.length_a   183.757
_cell.length_b   183.757
_cell.length_c   178.445
_cell.angle_alpha   90.00
_cell.angle_beta   90.00
_cell.angle_gamma   90.00
#
_symmetry.space_group_name_H-M   'I 4 2 2'
#
loop_
_entity.id
_entity.type
_entity.pdbx_description
1 polymer 'GTPase HRas'
2 polymer 'Son of sevenless homolog 1'
3 polymer 'GTPase HRas'
4 non-polymer 'PHOSPHOAMINOPHOSPHONIC ACID-GUANYLATE ESTER'
5 non-polymer 'MAGNESIUM ION'
6 non-polymer 'FORMIC ACID'
7 non-polymer 6-chloro-1-[(3-chloro-4-fluorophenyl)methyl]-2-(piperazin-1-yl)-1H-benzimidazole
8 non-polymer GLYCEROL
9 non-polymer 'SODIUM ION'
10 water water
#
loop_
_entity_poly.entity_id
_entity_poly.type
_entity_poly.pdbx_seq_one_letter_code
_entity_poly.pdbx_strand_id
1 'polypeptide(L)'
;GMTEYKLVVVGAGGVGKSALTIQLIQNHFVDEYDPTIEDSYRKQVVIDGET(CSO)LLDILDTAGQEEASAMRDQYMRTG
EGFLCVFAINNTKSFEDIHQYREQIKRVKDSDDVPMVLVGNKCDLAARTVESRQAQDLARSYGIPYIETSAKTRQGVEDA
FYTLVREIRQH
;
A
2 'polypeptide(L)'
;GQMRLPSADVYRFAEPDSEENIIFEENMQPKAGIPIIKAGTVIKLIERLTYHMYADPNFVRTFLTTYRSFCKPQELLSLI
IERFEIPEPEPTEADRIAIENGDQPLSAELKRFRKEYIQPVQLRVLNVCRHWVEHHFYDFERDAYLLQRMEEFIGTVRGK
AMKKWVESITKIIQRKKIARDNGPGHNITFQSSPPTVEWHISRPGHIETFDLLTLHPIEIARQLTLLESDLYRAVQPSEL
VGSVWTKEDKEINSPNLLKMIRHTTNLTLWFEKCIVETENLEERVAVVSRIIEILQVFQELNNFNGVLEVVSAMNSSPVY
RLDHTFEQIPSRQKKILEEAHELSEDHYKKYLAKLRSINPPCVPFFGIYLTNILKTEEGNPEVLKRHGKELINFSKRRKV
AEITGEIQQYQNQPYCLRVESDIKRFFENLNPMGNSMEKEFTDYLFNKSLEIEPRNPKPLPRFPKKYSYPLKSPGVRPSN
PR
;
B
3 'polypeptide(L)'
;GMTEYKLVVVGAGGVGKSALTIQLIQNHFVDEYDPTIEDSYRKQVVIDGETCLLDILDTAGQEEYSAMRDQYMRTGEGFL
CVFAINNTKSFEDIHQYREQIKRVKDSDDVPMVLVGNKCDLAARTVESRQAQDLARSYGIPYIETSAKTRQGVEDAFYTL
VREIRQH
;
C
#
# COMPACT_ATOMS: atom_id res chain seq x y z
N MET A 2 -15.99 -3.77 7.52
CA MET A 2 -15.14 -4.93 7.30
C MET A 2 -14.76 -5.60 8.63
N THR A 3 -15.24 -6.82 8.81
CA THR A 3 -14.85 -7.60 9.97
C THR A 3 -13.50 -8.25 9.73
N GLU A 4 -12.66 -8.27 10.75
CA GLU A 4 -11.34 -8.89 10.67
C GLU A 4 -11.40 -10.26 11.32
N TYR A 5 -10.75 -11.25 10.70
CA TYR A 5 -10.71 -12.64 11.19
C TYR A 5 -9.26 -13.09 11.31
N LYS A 6 -8.89 -13.64 12.47
CA LYS A 6 -7.54 -14.12 12.70
C LYS A 6 -7.51 -15.63 12.52
N LEU A 7 -6.98 -16.09 11.38
CA LEU A 7 -6.86 -17.51 11.08
C LEU A 7 -5.43 -17.96 11.30
N VAL A 8 -5.28 -19.18 11.80
CA VAL A 8 -3.96 -19.77 12.05
C VAL A 8 -3.91 -21.13 11.37
N VAL A 9 -2.82 -21.38 10.64
CA VAL A 9 -2.64 -22.64 9.91
C VAL A 9 -1.60 -23.46 10.67
N VAL A 10 -1.98 -24.65 11.14
CA VAL A 10 -1.10 -25.49 11.96
C VAL A 10 -1.04 -26.90 11.40
N GLY A 11 -0.03 -27.64 11.82
CA GLY A 11 0.17 -29.00 11.34
C GLY A 11 1.64 -29.33 11.24
N ALA A 12 1.92 -30.60 11.01
CA ALA A 12 3.28 -31.11 10.98
C ALA A 12 4.11 -30.48 9.85
N GLY A 13 5.43 -30.53 10.01
CA GLY A 13 6.30 -29.97 8.99
C GLY A 13 6.11 -30.66 7.65
N GLY A 14 6.08 -29.86 6.59
CA GLY A 14 6.04 -30.38 5.25
C GLY A 14 4.69 -30.75 4.70
N VAL A 15 3.61 -30.53 5.44
CA VAL A 15 2.29 -30.95 4.94
C VAL A 15 1.71 -30.00 3.91
N GLY A 16 2.26 -28.80 3.78
CA GLY A 16 1.79 -27.82 2.81
C GLY A 16 1.07 -26.62 3.39
N LYS A 17 1.31 -26.28 4.66
CA LYS A 17 0.65 -25.11 5.24
C LYS A 17 0.99 -23.85 4.47
N SER A 18 2.28 -23.64 4.19
CA SER A 18 2.70 -22.45 3.47
C SER A 18 2.21 -22.47 2.03
N ALA A 19 2.31 -23.63 1.37
CA ALA A 19 1.82 -23.71 -0.01
C ALA A 19 0.33 -23.41 -0.10
N LEU A 20 -0.46 -23.94 0.85
CA LEU A 20 -1.89 -23.64 0.89
C LEU A 20 -2.11 -22.14 1.03
N THR A 21 -1.38 -21.51 1.96
CA THR A 21 -1.59 -20.09 2.24
C THR A 21 -1.20 -19.23 1.05
N ILE A 22 -0.05 -19.54 0.44
CA ILE A 22 0.41 -18.75 -0.70
C ILE A 22 -0.47 -18.96 -1.93
N GLN A 23 -1.00 -20.17 -2.12
CA GLN A 23 -2.01 -20.38 -3.16
C GLN A 23 -3.24 -19.50 -2.94
N LEU A 24 -3.74 -19.45 -1.69
CA LEU A 24 -4.88 -18.58 -1.39
C LEU A 24 -4.55 -17.12 -1.64
N ILE A 25 -3.36 -16.68 -1.22
CA ILE A 25 -3.04 -15.26 -1.24
C ILE A 25 -2.64 -14.80 -2.64
N GLN A 26 -1.81 -15.59 -3.33
CA GLN A 26 -1.17 -15.16 -4.56
C GLN A 26 -1.57 -15.96 -5.79
N ASN A 27 -2.38 -17.02 -5.65
CA ASN A 27 -2.71 -17.92 -6.76
C ASN A 27 -1.47 -18.56 -7.37
N HIS A 28 -0.47 -18.85 -6.54
CA HIS A 28 0.82 -19.37 -6.97
C HIS A 28 1.16 -20.59 -6.14
N PHE A 29 1.67 -21.65 -6.77
CA PHE A 29 2.08 -22.86 -6.06
C PHE A 29 3.59 -22.83 -5.82
N VAL A 30 4.00 -22.94 -4.55
CA VAL A 30 5.41 -22.93 -4.19
C VAL A 30 5.93 -24.37 -4.24
N ASP A 31 6.92 -24.60 -5.10
CA ASP A 31 7.52 -25.92 -5.24
C ASP A 31 8.58 -26.18 -4.17
N GLU A 32 9.27 -25.14 -3.73
CA GLU A 32 10.30 -25.29 -2.72
C GLU A 32 9.70 -25.63 -1.37
N TYR A 33 10.54 -26.23 -0.53
CA TYR A 33 10.20 -26.60 0.85
C TYR A 33 11.15 -25.79 1.72
N ASP A 34 10.74 -24.56 2.05
CA ASP A 34 11.46 -23.67 2.95
C ASP A 34 10.76 -23.67 4.29
N PRO A 35 11.27 -24.36 5.31
CA PRO A 35 10.52 -24.47 6.58
C PRO A 35 10.26 -23.10 7.20
N THR A 36 9.00 -22.91 7.61
CA THR A 36 8.55 -21.63 8.15
C THR A 36 8.96 -21.50 9.60
N ILE A 37 9.22 -20.26 10.01
CA ILE A 37 9.34 -19.92 11.43
C ILE A 37 8.01 -19.32 11.87
N GLU A 38 7.67 -18.16 11.31
CA GLU A 38 6.31 -17.64 11.41
C GLU A 38 6.11 -16.53 10.39
N ASP A 39 5.07 -16.66 9.58
CA ASP A 39 4.77 -15.70 8.53
C ASP A 39 3.33 -15.24 8.70
N SER A 40 3.05 -14.04 8.20
N SER A 40 3.02 -14.03 8.23
CA SER A 40 1.73 -13.43 8.29
CA SER A 40 1.65 -13.55 8.31
C SER A 40 1.29 -12.97 6.89
C SER A 40 1.25 -12.87 7.03
N TYR A 41 -0.02 -13.06 6.65
CA TYR A 41 -0.58 -12.59 5.39
C TYR A 41 -1.91 -11.92 5.66
N ARG A 42 -2.32 -11.02 4.77
CA ARG A 42 -3.62 -10.39 4.85
C ARG A 42 -4.35 -10.53 3.52
N LYS A 43 -5.67 -10.70 3.59
CA LYS A 43 -6.47 -10.85 2.38
C LYS A 43 -7.85 -10.24 2.59
N GLN A 44 -8.19 -9.24 1.78
CA GLN A 44 -9.56 -8.75 1.72
C GLN A 44 -10.36 -9.61 0.75
N VAL A 45 -11.52 -10.09 1.18
CA VAL A 45 -12.30 -11.00 0.34
C VAL A 45 -13.76 -10.92 0.76
N VAL A 46 -14.66 -11.04 -0.21
CA VAL A 46 -16.09 -11.08 0.06
C VAL A 46 -16.50 -12.54 0.23
N ILE A 47 -17.07 -12.86 1.40
CA ILE A 47 -17.50 -14.22 1.72
C ILE A 47 -18.98 -14.15 2.11
N ASP A 48 -19.82 -14.91 1.42
CA ASP A 48 -21.28 -14.88 1.65
C ASP A 48 -21.80 -13.45 1.66
N GLY A 49 -21.33 -12.64 0.70
CA GLY A 49 -21.80 -11.29 0.52
C GLY A 49 -21.26 -10.26 1.49
N GLU A 50 -20.39 -10.65 2.42
CA GLU A 50 -19.86 -9.72 3.41
C GLU A 50 -18.37 -9.59 3.21
N THR A 51 -17.88 -8.36 3.15
CA THR A 51 -16.45 -8.15 2.97
C THR A 51 -15.74 -8.37 4.28
N LEU A 53 -11.62 -9.05 6.22
CA LEU A 53 -10.18 -8.98 6.16
C LEU A 53 -9.65 -10.18 6.90
N LEU A 54 -8.96 -11.06 6.19
CA LEU A 54 -8.40 -12.24 6.82
C LEU A 54 -6.96 -11.94 7.19
N ASP A 55 -6.60 -12.17 8.46
CA ASP A 55 -5.21 -12.19 8.90
C ASP A 55 -4.84 -13.66 9.06
N ILE A 56 -3.87 -14.12 8.28
CA ILE A 56 -3.55 -15.53 8.25
C ILE A 56 -2.15 -15.71 8.81
N LEU A 57 -2.04 -16.47 9.90
CA LEU A 57 -0.75 -16.78 10.50
C LEU A 57 -0.33 -18.16 10.02
N ASP A 58 0.85 -18.22 9.39
CA ASP A 58 1.40 -19.46 8.86
C ASP A 58 2.52 -19.90 9.82
N THR A 59 2.36 -21.06 10.45
CA THR A 59 3.19 -21.42 11.60
C THR A 59 4.21 -22.49 11.25
N ALA A 60 5.10 -22.76 12.20
CA ALA A 60 6.19 -23.71 12.02
C ALA A 60 5.73 -25.12 12.37
N GLY A 61 5.92 -26.05 11.44
CA GLY A 61 5.63 -27.45 11.70
C GLY A 61 6.82 -28.24 12.21
N GLN A 62 8.06 -27.74 12.02
CA GLN A 62 9.21 -28.52 12.45
C GLN A 62 9.21 -28.67 13.96
N GLU A 63 9.59 -29.85 14.44
CA GLU A 63 9.49 -30.15 15.86
C GLU A 63 10.37 -29.23 16.71
N GLU A 64 11.45 -28.71 16.12
CA GLU A 64 12.36 -27.83 16.85
C GLU A 64 11.67 -26.54 17.30
N ALA A 65 10.52 -26.19 16.71
CA ALA A 65 9.77 -25.02 17.14
C ALA A 65 8.59 -25.36 18.03
N SER A 66 8.53 -26.59 18.56
CA SER A 66 7.28 -27.05 19.19
C SER A 66 7.00 -26.36 20.52
N ALA A 67 8.00 -25.71 21.13
CA ALA A 67 7.80 -25.04 22.41
C ALA A 67 7.35 -23.60 22.27
N MET A 68 7.04 -23.14 21.05
CA MET A 68 6.77 -21.73 20.81
C MET A 68 5.34 -21.49 20.31
N ARG A 69 4.42 -22.42 20.60
CA ARG A 69 3.10 -22.39 19.99
C ARG A 69 2.05 -21.65 20.81
N ASP A 70 2.14 -21.66 22.15
CA ASP A 70 1.11 -21.01 22.94
C ASP A 70 0.86 -19.58 22.48
N GLN A 71 1.94 -18.85 22.15
CA GLN A 71 1.81 -17.43 21.83
C GLN A 71 0.93 -17.21 20.60
N TYR A 72 1.01 -18.08 19.60
CA TYR A 72 0.11 -17.84 18.47
C TYR A 72 -1.27 -18.46 18.66
N MET A 73 -1.38 -19.49 19.50
CA MET A 73 -2.69 -20.07 19.73
C MET A 73 -3.57 -19.13 20.54
N ARG A 74 -2.96 -18.29 21.38
CA ARG A 74 -3.73 -17.29 22.12
C ARG A 74 -4.38 -16.28 21.18
N THR A 75 -3.66 -15.87 20.14
CA THR A 75 -4.17 -14.80 19.28
C THR A 75 -5.20 -15.30 18.27
N GLY A 76 -5.15 -16.58 17.90
CA GLY A 76 -5.96 -17.04 16.78
C GLY A 76 -7.42 -17.22 17.15
N GLU A 77 -8.29 -16.88 16.20
N GLU A 77 -8.30 -16.91 16.19
CA GLU A 77 -9.71 -17.11 16.37
CA GLU A 77 -9.73 -17.08 16.35
C GLU A 77 -10.12 -18.48 15.83
C GLU A 77 -10.25 -18.35 15.68
N GLY A 78 -9.50 -18.91 14.74
CA GLY A 78 -9.85 -20.18 14.13
C GLY A 78 -8.60 -20.83 13.58
N PHE A 79 -8.63 -22.15 13.48
CA PHE A 79 -7.43 -22.92 13.14
C PHE A 79 -7.70 -23.89 12.00
N LEU A 80 -6.89 -23.81 10.94
N LEU A 80 -6.84 -23.85 10.99
CA LEU A 80 -6.82 -24.86 9.94
CA LEU A 80 -6.81 -24.85 9.93
C LEU A 80 -5.83 -25.90 10.44
C LEU A 80 -5.81 -25.92 10.35
N CYS A 81 -6.30 -27.13 10.66
CA CYS A 81 -5.44 -28.21 11.14
C CYS A 81 -5.12 -29.10 9.95
N VAL A 82 -3.88 -28.99 9.45
CA VAL A 82 -3.51 -29.55 8.16
C VAL A 82 -2.64 -30.80 8.37
N PHE A 83 -2.98 -31.87 7.66
CA PHE A 83 -2.09 -33.01 7.49
C PHE A 83 -2.00 -33.29 5.99
N ALA A 84 -1.08 -34.17 5.60
CA ALA A 84 -0.94 -34.55 4.20
C ALA A 84 -1.44 -35.97 4.02
N ILE A 85 -2.23 -36.20 2.96
CA ILE A 85 -2.90 -37.50 2.84
C ILE A 85 -1.96 -38.61 2.41
N ASN A 86 -0.69 -38.29 2.12
CA ASN A 86 0.32 -39.31 1.88
C ASN A 86 1.31 -39.43 3.03
N ASN A 87 0.96 -38.91 4.21
N ASN A 87 0.94 -38.97 4.22
CA ASN A 87 1.89 -38.97 5.35
CA ASN A 87 1.83 -38.92 5.38
C ASN A 87 1.08 -39.31 6.61
C ASN A 87 1.02 -39.28 6.63
N THR A 88 1.12 -40.59 6.99
N THR A 88 1.05 -40.55 7.01
CA THR A 88 0.31 -41.06 8.11
CA THR A 88 0.24 -40.99 8.15
C THR A 88 0.72 -40.38 9.42
C THR A 88 0.72 -40.37 9.45
N LYS A 89 2.03 -40.14 9.58
CA LYS A 89 2.50 -39.50 10.81
C LYS A 89 1.90 -38.11 10.99
N SER A 90 1.78 -37.35 9.89
CA SER A 90 1.18 -36.02 9.99
C SER A 90 -0.27 -36.09 10.42
N PHE A 91 -1.00 -37.14 10.01
CA PHE A 91 -2.36 -37.33 10.48
C PHE A 91 -2.39 -37.66 11.97
N GLU A 92 -1.48 -38.52 12.43
CA GLU A 92 -1.39 -38.82 13.86
C GLU A 92 -1.00 -37.60 14.67
N ASP A 93 -0.28 -36.64 14.07
CA ASP A 93 0.09 -35.42 14.81
C ASP A 93 -1.09 -34.47 15.00
N ILE A 94 -2.20 -34.66 14.27
CA ILE A 94 -3.31 -33.71 14.35
C ILE A 94 -3.84 -33.61 15.78
N HIS A 95 -3.97 -34.74 16.46
CA HIS A 95 -4.63 -34.68 17.76
C HIS A 95 -3.81 -33.86 18.76
N GLN A 96 -2.48 -33.87 18.65
N GLN A 96 -2.48 -33.85 18.63
CA GLN A 96 -1.67 -33.03 19.54
CA GLN A 96 -1.65 -33.04 19.51
C GLN A 96 -2.00 -31.56 19.33
C GLN A 96 -1.91 -31.56 19.32
N TYR A 97 -2.09 -31.12 18.07
CA TYR A 97 -2.46 -29.73 17.82
C TYR A 97 -3.85 -29.42 18.34
N ARG A 98 -4.80 -30.32 18.11
CA ARG A 98 -6.16 -30.12 18.59
C ARG A 98 -6.18 -29.96 20.11
N GLU A 99 -5.44 -30.79 20.82
CA GLU A 99 -5.48 -30.74 22.27
C GLU A 99 -4.76 -29.51 22.81
N GLN A 100 -3.65 -29.11 22.16
CA GLN A 100 -2.95 -27.92 22.61
C GLN A 100 -3.81 -26.67 22.42
N ILE A 101 -4.51 -26.58 21.28
CA ILE A 101 -5.35 -25.40 21.04
C ILE A 101 -6.44 -25.31 22.10
N LYS A 102 -7.07 -26.46 22.42
CA LYS A 102 -8.11 -26.47 23.43
C LYS A 102 -7.58 -26.05 24.80
N ARG A 103 -6.37 -26.50 25.14
N ARG A 103 -6.36 -26.49 25.13
CA ARG A 103 -5.80 -26.12 26.43
CA ARG A 103 -5.76 -26.15 26.42
C ARG A 103 -5.50 -24.63 26.48
C ARG A 103 -5.45 -24.65 26.50
N VAL A 104 -4.82 -24.11 25.46
CA VAL A 104 -4.41 -22.71 25.46
C VAL A 104 -5.63 -21.80 25.49
N LYS A 105 -6.62 -22.08 24.65
CA LYS A 105 -7.80 -21.23 24.61
C LYS A 105 -8.80 -21.57 25.69
N ASP A 106 -8.54 -22.61 26.49
CA ASP A 106 -9.41 -23.03 27.59
C ASP A 106 -10.85 -23.18 27.10
N SER A 107 -11.02 -23.95 26.03
CA SER A 107 -12.31 -24.04 25.37
C SER A 107 -12.42 -25.34 24.60
N ASP A 108 -13.60 -25.95 24.67
CA ASP A 108 -13.97 -27.14 23.91
C ASP A 108 -14.60 -26.78 22.57
N ASP A 109 -14.70 -25.48 22.26
CA ASP A 109 -15.55 -24.98 21.18
C ASP A 109 -14.77 -23.98 20.32
N VAL A 110 -13.56 -24.36 19.90
CA VAL A 110 -12.74 -23.45 19.09
C VAL A 110 -13.02 -23.70 17.61
N PRO A 111 -13.26 -22.65 16.80
CA PRO A 111 -13.44 -22.86 15.36
C PRO A 111 -12.23 -23.54 14.73
N MET A 112 -12.48 -24.66 14.05
N MET A 112 -12.48 -24.65 14.04
CA MET A 112 -11.43 -25.43 13.40
CA MET A 112 -11.41 -25.39 13.40
C MET A 112 -11.97 -26.08 12.14
C MET A 112 -11.96 -26.08 12.16
N VAL A 113 -11.06 -26.36 11.20
CA VAL A 113 -11.36 -27.18 10.03
C VAL A 113 -10.22 -28.18 9.90
N LEU A 114 -10.54 -29.46 9.67
CA LEU A 114 -9.53 -30.47 9.39
C LEU A 114 -9.24 -30.48 7.90
N VAL A 115 -7.97 -30.36 7.52
CA VAL A 115 -7.59 -30.24 6.12
C VAL A 115 -6.65 -31.38 5.76
N GLY A 116 -7.02 -32.17 4.76
CA GLY A 116 -6.16 -33.20 4.21
C GLY A 116 -5.56 -32.73 2.90
N ASN A 117 -4.30 -32.31 2.94
CA ASN A 117 -3.68 -31.66 1.79
C ASN A 117 -2.94 -32.68 0.91
N LYS A 118 -2.53 -32.19 -0.26
CA LYS A 118 -1.81 -32.96 -1.29
C LYS A 118 -2.73 -33.98 -1.96
N CYS A 119 -4.01 -33.64 -2.13
CA CYS A 119 -4.95 -34.59 -2.70
C CYS A 119 -4.78 -34.75 -4.21
N ASP A 120 -3.85 -34.00 -4.83
CA ASP A 120 -3.48 -34.23 -6.23
C ASP A 120 -2.62 -35.47 -6.40
N LEU A 121 -2.04 -35.99 -5.33
CA LEU A 121 -1.15 -37.14 -5.40
C LEU A 121 -1.94 -38.42 -5.33
N ALA A 122 -1.58 -39.39 -6.18
CA ALA A 122 -2.32 -40.64 -6.24
C ALA A 122 -2.02 -41.55 -5.05
N ALA A 123 -0.78 -41.50 -4.52
CA ALA A 123 -0.31 -42.46 -3.52
C ALA A 123 -0.75 -42.06 -2.11
N ARG A 124 -2.06 -42.17 -1.89
CA ARG A 124 -2.64 -41.82 -0.59
C ARG A 124 -2.37 -42.92 0.44
N THR A 125 -2.05 -42.51 1.68
CA THR A 125 -1.93 -43.44 2.78
C THR A 125 -2.91 -43.19 3.92
N VAL A 126 -3.57 -42.04 3.96
CA VAL A 126 -4.64 -41.77 4.92
C VAL A 126 -5.95 -41.77 4.14
N GLU A 127 -6.86 -42.67 4.51
CA GLU A 127 -8.13 -42.73 3.79
C GLU A 127 -9.08 -41.64 4.26
N SER A 128 -9.91 -41.15 3.32
CA SER A 128 -10.85 -40.09 3.63
C SER A 128 -11.73 -40.46 4.82
N ARG A 129 -12.17 -41.72 4.88
CA ARG A 129 -13.05 -42.16 5.95
C ARG A 129 -12.41 -41.98 7.32
N GLN A 130 -11.12 -42.34 7.46
CA GLN A 130 -10.46 -42.21 8.75
C GLN A 130 -10.40 -40.74 9.17
N ALA A 131 -10.08 -39.85 8.23
CA ALA A 131 -10.04 -38.44 8.55
C ALA A 131 -11.44 -37.90 8.87
N GLN A 132 -12.43 -38.33 8.11
CA GLN A 132 -13.80 -37.87 8.36
C GLN A 132 -14.29 -38.31 9.74
N ASP A 133 -13.96 -39.55 10.14
CA ASP A 133 -14.32 -40.01 11.48
C ASP A 133 -13.72 -39.11 12.55
N LEU A 134 -12.44 -38.75 12.39
CA LEU A 134 -11.80 -37.86 13.36
C LEU A 134 -12.49 -36.50 13.38
N ALA A 135 -12.75 -35.93 12.21
CA ALA A 135 -13.43 -34.63 12.14
C ALA A 135 -14.77 -34.69 12.87
N ARG A 136 -15.56 -35.75 12.65
CA ARG A 136 -16.85 -35.84 13.33
C ARG A 136 -16.67 -35.89 14.84
N SER A 137 -15.63 -36.58 15.31
CA SER A 137 -15.38 -36.65 16.75
C SER A 137 -15.02 -35.29 17.33
N TYR A 138 -14.51 -34.38 16.50
CA TYR A 138 -14.21 -33.00 16.88
C TYR A 138 -15.36 -32.05 16.63
N GLY A 139 -16.40 -32.49 15.92
CA GLY A 139 -17.47 -31.58 15.56
C GLY A 139 -17.13 -30.59 14.47
N ILE A 140 -16.19 -30.94 13.57
CA ILE A 140 -15.70 -29.96 12.58
C ILE A 140 -15.74 -30.58 11.19
N PRO A 141 -15.75 -29.75 10.15
CA PRO A 141 -15.74 -30.29 8.79
C PRO A 141 -14.34 -30.73 8.39
N TYR A 142 -14.32 -31.62 7.39
CA TYR A 142 -13.10 -32.15 6.80
C TYR A 142 -13.09 -31.79 5.32
N ILE A 143 -12.01 -31.15 4.87
CA ILE A 143 -11.90 -30.70 3.49
C ILE A 143 -10.56 -31.15 2.93
N GLU A 144 -10.59 -31.85 1.81
CA GLU A 144 -9.35 -32.25 1.15
C GLU A 144 -8.95 -31.19 0.14
N THR A 145 -7.66 -30.89 0.09
CA THR A 145 -7.15 -29.75 -0.66
C THR A 145 -5.92 -30.16 -1.47
N SER A 146 -5.64 -29.36 -2.49
CA SER A 146 -4.34 -29.39 -3.16
C SER A 146 -3.85 -27.97 -3.33
N ALA A 147 -2.75 -27.63 -2.66
CA ALA A 147 -2.13 -26.34 -2.91
C ALA A 147 -1.60 -26.24 -4.33
N LYS A 148 -1.37 -27.37 -4.98
CA LYS A 148 -0.83 -27.38 -6.34
C LYS A 148 -1.91 -27.04 -7.36
N THR A 149 -3.09 -27.64 -7.26
CA THR A 149 -4.13 -27.46 -8.26
C THR A 149 -5.19 -26.44 -7.86
N ARG A 150 -5.21 -26.00 -6.59
CA ARG A 150 -6.21 -25.14 -5.94
C ARG A 150 -7.45 -25.89 -5.49
N GLN A 151 -7.57 -27.20 -5.76
CA GLN A 151 -8.75 -27.94 -5.33
C GLN A 151 -8.97 -27.75 -3.83
N GLY A 152 -10.17 -27.32 -3.45
CA GLY A 152 -10.56 -27.22 -2.06
C GLY A 152 -9.98 -26.06 -1.27
N VAL A 153 -9.07 -25.26 -1.85
CA VAL A 153 -8.31 -24.31 -1.04
C VAL A 153 -9.21 -23.20 -0.51
N GLU A 154 -9.97 -22.55 -1.40
CA GLU A 154 -10.91 -21.54 -0.93
C GLU A 154 -11.94 -22.13 0.02
N ASP A 155 -12.40 -23.35 -0.26
CA ASP A 155 -13.40 -23.98 0.59
C ASP A 155 -12.87 -24.15 2.00
N ALA A 156 -11.60 -24.56 2.14
CA ALA A 156 -11.04 -24.78 3.47
C ALA A 156 -10.98 -23.48 4.26
N PHE A 157 -10.39 -22.44 3.68
CA PHE A 157 -10.22 -21.19 4.40
C PHE A 157 -11.55 -20.51 4.66
N TYR A 158 -12.43 -20.50 3.66
CA TYR A 158 -13.67 -19.76 3.84
C TYR A 158 -14.66 -20.53 4.72
N THR A 159 -14.58 -21.86 4.76
CA THR A 159 -15.34 -22.61 5.76
C THR A 159 -14.92 -22.22 7.16
N LEU A 160 -13.61 -22.04 7.38
CA LEU A 160 -13.14 -21.63 8.70
C LEU A 160 -13.66 -20.25 9.05
N VAL A 161 -13.67 -19.31 8.09
CA VAL A 161 -14.24 -18.00 8.34
C VAL A 161 -15.69 -18.13 8.80
N ARG A 162 -16.47 -18.95 8.10
CA ARG A 162 -17.88 -19.11 8.47
C ARG A 162 -18.03 -19.66 9.88
N GLU A 163 -17.13 -20.51 10.33
N GLU A 163 -17.15 -20.58 10.28
CA GLU A 163 -17.23 -21.04 11.68
CA GLU A 163 -17.16 -21.08 11.66
C GLU A 163 -16.85 -20.03 12.75
C GLU A 163 -16.94 -19.95 12.65
N ILE A 164 -15.93 -19.12 12.42
CA ILE A 164 -15.65 -18.01 13.31
C ILE A 164 -16.85 -17.06 13.36
N ARG A 165 -17.47 -16.81 12.20
CA ARG A 165 -18.61 -15.90 12.14
C ARG A 165 -19.81 -16.41 12.93
N GLN A 166 -20.01 -17.73 12.98
CA GLN A 166 -21.13 -18.30 13.71
C GLN A 166 -20.79 -18.64 15.15
N HIS A 167 -19.54 -18.48 15.56
CA HIS A 167 -19.09 -18.82 16.91
C HIS A 167 -19.76 -17.96 17.98
N GLY B 1 8.98 -18.83 39.02
CA GLY B 1 9.57 -17.51 38.85
C GLY B 1 10.06 -17.29 37.44
N GLN B 2 10.28 -16.03 37.08
CA GLN B 2 10.84 -15.73 35.76
C GLN B 2 12.25 -16.27 35.66
N MET B 3 12.67 -16.56 34.42
CA MET B 3 14.04 -16.96 34.20
C MET B 3 14.97 -15.81 34.53
N ARG B 4 16.10 -16.13 35.13
CA ARG B 4 17.15 -15.15 35.23
C ARG B 4 17.78 -14.93 33.85
N LEU B 5 18.41 -13.77 33.70
CA LEU B 5 18.96 -13.31 32.44
C LEU B 5 20.47 -13.13 32.57
N PRO B 6 21.20 -13.09 31.45
CA PRO B 6 22.60 -12.70 31.52
C PRO B 6 22.72 -11.30 32.09
N SER B 7 23.89 -11.03 32.67
CA SER B 7 24.21 -9.68 33.11
C SER B 7 24.14 -8.71 31.94
N ALA B 8 23.51 -7.56 32.16
CA ALA B 8 23.41 -6.56 31.09
C ALA B 8 24.77 -6.02 30.69
N ASP B 9 25.81 -6.27 31.49
CA ASP B 9 27.17 -5.87 31.11
C ASP B 9 27.73 -6.75 30.00
N VAL B 10 27.39 -8.04 30.00
CA VAL B 10 27.87 -8.93 28.94
C VAL B 10 26.86 -9.11 27.81
N TYR B 11 25.60 -8.76 28.02
CA TYR B 11 24.57 -8.95 27.00
C TYR B 11 23.60 -7.78 27.08
N ARG B 12 23.68 -6.87 26.10
CA ARG B 12 23.01 -5.57 26.24
C ARG B 12 21.49 -5.69 26.23
N PHE B 13 20.94 -6.77 25.70
CA PHE B 13 19.51 -6.90 25.54
C PHE B 13 18.81 -7.40 26.80
N ALA B 14 19.53 -7.47 27.93
CA ALA B 14 18.94 -7.85 29.20
C ALA B 14 18.71 -6.66 30.12
N GLU B 15 18.95 -5.45 29.66
CA GLU B 15 18.66 -4.29 30.48
C GLU B 15 17.15 -4.22 30.76
N PRO B 16 16.74 -3.87 31.97
CA PRO B 16 15.30 -3.80 32.25
C PRO B 16 14.63 -2.69 31.45
N ASP B 17 13.37 -2.95 31.07
CA ASP B 17 12.53 -1.92 30.49
C ASP B 17 12.38 -0.76 31.47
N SER B 18 12.48 0.46 30.93
CA SER B 18 12.18 1.65 31.70
C SER B 18 11.70 2.71 30.73
N GLU B 19 11.08 3.75 31.27
CA GLU B 19 10.65 4.84 30.39
C GLU B 19 11.84 5.58 29.77
N GLU B 20 13.06 5.33 30.25
CA GLU B 20 14.23 5.90 29.60
C GLU B 20 14.66 5.11 28.36
N ASN B 21 14.10 3.93 28.12
CA ASN B 21 14.47 3.18 26.93
C ASN B 21 13.31 2.58 26.14
N ILE B 22 12.08 2.55 26.67
CA ILE B 22 10.95 2.04 25.87
C ILE B 22 9.66 2.64 26.42
N ILE B 23 8.76 3.02 25.51
CA ILE B 23 7.45 3.55 25.86
C ILE B 23 6.40 2.79 25.08
N PHE B 24 5.39 2.27 25.80
CA PHE B 24 4.32 1.51 25.16
C PHE B 24 3.09 2.38 24.96
N GLU B 25 2.33 2.06 23.91
CA GLU B 25 1.02 2.67 23.75
C GLU B 25 0.06 2.17 24.82
N GLU B 26 -0.97 2.97 25.08
CA GLU B 26 -2.05 2.56 25.98
C GLU B 26 -2.97 1.59 25.27
N GLY B 33 -2.89 -9.95 22.70
CA GLY B 33 -2.66 -9.10 23.86
C GLY B 33 -1.22 -8.71 24.05
N ILE B 34 -0.50 -8.53 22.94
CA ILE B 34 0.91 -8.16 23.01
C ILE B 34 1.03 -6.65 23.04
N PRO B 35 2.06 -6.11 23.68
CA PRO B 35 2.21 -4.65 23.77
C PRO B 35 2.53 -4.03 22.41
N ILE B 36 2.12 -2.77 22.27
CA ILE B 36 2.39 -1.98 21.08
C ILE B 36 3.38 -0.89 21.48
N ILE B 37 4.47 -0.78 20.74
CA ILE B 37 5.57 0.11 21.12
C ILE B 37 5.34 1.48 20.52
N LYS B 38 5.35 2.51 21.36
CA LYS B 38 5.31 3.89 20.88
C LYS B 38 6.69 4.40 20.51
N ALA B 39 7.69 4.13 21.35
CA ALA B 39 9.02 4.68 21.15
C ALA B 39 10.03 3.81 21.89
N GLY B 40 11.28 3.85 21.47
CA GLY B 40 12.30 3.15 22.22
C GLY B 40 13.67 3.33 21.63
N THR B 41 14.68 2.90 22.38
CA THR B 41 16.02 2.85 21.80
C THR B 41 16.08 1.75 20.76
N VAL B 42 17.09 1.81 19.89
CA VAL B 42 17.22 0.78 18.88
C VAL B 42 17.46 -0.59 19.53
N ILE B 43 18.21 -0.62 20.63
CA ILE B 43 18.42 -1.87 21.36
C ILE B 43 17.09 -2.47 21.82
N LYS B 44 16.21 -1.64 22.40
CA LYS B 44 14.92 -2.15 22.86
C LYS B 44 14.03 -2.56 21.69
N LEU B 45 14.08 -1.83 20.57
CA LEU B 45 13.28 -2.23 19.42
C LEU B 45 13.72 -3.61 18.91
N ILE B 46 15.03 -3.85 18.87
CA ILE B 46 15.51 -5.14 18.38
C ILE B 46 15.19 -6.25 19.38
N GLU B 47 15.28 -5.96 20.68
CA GLU B 47 14.86 -6.93 21.68
C GLU B 47 13.41 -7.35 21.46
N ARG B 48 12.52 -6.38 21.27
CA ARG B 48 11.12 -6.72 21.10
C ARG B 48 10.83 -7.29 19.72
N LEU B 49 11.67 -6.98 18.73
CA LEU B 49 11.57 -7.60 17.41
C LEU B 49 11.82 -9.10 17.47
N THR B 50 12.56 -9.54 18.47
CA THR B 50 13.02 -10.92 18.57
C THR B 50 12.72 -11.45 19.97
N TYR B 51 11.53 -11.14 20.49
CA TYR B 51 11.24 -11.32 21.91
C TYR B 51 11.04 -12.79 22.26
N HIS B 52 11.49 -13.18 23.47
CA HIS B 52 11.40 -14.60 23.80
C HIS B 52 9.96 -15.05 24.10
N MET B 53 9.07 -14.12 24.48
CA MET B 53 7.74 -14.52 24.94
C MET B 53 6.72 -14.67 23.82
N TYR B 54 6.93 -14.00 22.69
CA TYR B 54 5.94 -14.06 21.62
C TYR B 54 6.59 -13.65 20.32
N ALA B 55 5.98 -14.10 19.22
CA ALA B 55 6.31 -13.62 17.89
C ALA B 55 5.42 -12.43 17.53
N ASP B 56 5.91 -11.59 16.64
CA ASP B 56 5.20 -10.38 16.24
C ASP B 56 5.49 -10.16 14.76
N PRO B 57 4.89 -10.99 13.90
CA PRO B 57 5.23 -10.93 12.46
C PRO B 57 4.90 -9.58 11.84
N ASN B 58 3.87 -8.89 12.32
N ASN B 58 3.81 -8.95 12.28
CA ASN B 58 3.58 -7.57 11.77
CA ASN B 58 3.53 -7.59 11.85
C ASN B 58 4.59 -6.53 12.24
C ASN B 58 4.70 -6.69 12.15
N PHE B 59 5.21 -6.74 13.39
CA PHE B 59 6.31 -5.89 13.81
C PHE B 59 7.54 -6.14 12.94
N VAL B 60 7.82 -7.41 12.62
CA VAL B 60 8.96 -7.71 11.75
C VAL B 60 8.79 -6.99 10.41
N ARG B 61 7.59 -7.06 9.82
CA ARG B 61 7.37 -6.36 8.56
C ARG B 61 7.51 -4.85 8.73
N THR B 62 6.86 -4.29 9.77
N THR B 62 6.92 -4.30 9.79
CA THR B 62 6.96 -2.85 10.01
CA THR B 62 6.97 -2.84 9.94
C THR B 62 8.42 -2.44 10.16
C THR B 62 8.38 -2.36 10.28
N PHE B 63 9.15 -3.15 11.01
CA PHE B 63 10.53 -2.80 11.28
C PHE B 63 11.38 -2.89 10.01
N LEU B 64 11.31 -4.02 9.31
CA LEU B 64 12.15 -4.18 8.13
C LEU B 64 11.77 -3.22 7.00
N THR B 65 10.52 -2.76 6.97
CA THR B 65 10.14 -1.77 5.96
C THR B 65 10.69 -0.39 6.25
N THR B 66 10.80 -0.02 7.54
CA THR B 66 11.01 1.39 7.91
C THR B 66 12.31 1.67 8.65
N TYR B 67 13.13 0.67 8.99
CA TYR B 67 14.20 0.89 9.94
C TYR B 67 15.31 1.82 9.41
N ARG B 68 15.43 1.98 8.09
CA ARG B 68 16.58 2.73 7.58
C ARG B 68 16.50 4.21 7.93
N SER B 69 15.33 4.70 8.37
CA SER B 69 15.21 6.05 8.90
C SER B 69 15.86 6.23 10.26
N PHE B 70 16.25 5.14 10.94
CA PHE B 70 16.91 5.29 12.23
C PHE B 70 18.09 4.36 12.45
N CYS B 71 18.40 3.46 11.51
CA CYS B 71 19.51 2.53 11.70
C CYS B 71 20.01 2.11 10.33
N LYS B 72 21.34 2.12 10.13
CA LYS B 72 21.87 1.71 8.84
C LYS B 72 21.79 0.19 8.68
N PRO B 73 21.64 -0.31 7.44
CA PRO B 73 21.61 -1.78 7.25
C PRO B 73 22.81 -2.50 7.88
N GLN B 74 24.02 -1.97 7.73
CA GLN B 74 25.18 -2.63 8.32
C GLN B 74 25.07 -2.70 9.84
N GLU B 75 24.51 -1.66 10.46
CA GLU B 75 24.39 -1.63 11.90
C GLU B 75 23.29 -2.56 12.38
N LEU B 76 22.18 -2.63 11.63
CA LEU B 76 21.14 -3.60 11.97
C LEU B 76 21.70 -5.02 12.00
N LEU B 77 22.48 -5.40 10.98
CA LEU B 77 23.03 -6.76 10.98
C LEU B 77 23.94 -6.99 12.19
N SER B 78 24.80 -6.02 12.51
CA SER B 78 25.64 -6.15 13.69
C SER B 78 24.79 -6.35 14.95
N LEU B 79 23.70 -5.59 15.07
CA LEU B 79 22.87 -5.70 16.26
C LEU B 79 22.14 -7.03 16.34
N ILE B 80 21.65 -7.56 15.22
CA ILE B 80 20.94 -8.83 15.37
C ILE B 80 21.93 -9.99 15.59
N ILE B 81 23.16 -9.88 15.07
CA ILE B 81 24.17 -10.89 15.42
C ILE B 81 24.49 -10.83 16.91
N GLU B 82 24.62 -9.62 17.45
CA GLU B 82 24.82 -9.45 18.89
C GLU B 82 23.65 -10.05 19.67
N ARG B 83 22.43 -9.81 19.19
CA ARG B 83 21.24 -10.39 19.82
C ARG B 83 21.30 -11.91 19.83
N PHE B 84 21.78 -12.50 18.74
CA PHE B 84 21.81 -13.95 18.57
C PHE B 84 22.76 -14.62 19.56
N GLU B 85 23.84 -13.94 19.93
CA GLU B 85 24.95 -14.58 20.67
C GLU B 85 24.70 -14.44 22.17
N ILE B 86 23.84 -15.33 22.67
CA ILE B 86 23.33 -15.26 24.06
C ILE B 86 24.19 -16.16 24.93
N PRO B 87 24.73 -15.65 26.03
CA PRO B 87 25.53 -16.50 26.92
C PRO B 87 24.65 -17.44 27.72
N GLU B 88 25.17 -18.68 27.97
CA GLU B 88 24.45 -19.63 28.79
C GLU B 88 24.81 -19.45 30.25
N PRO B 89 23.87 -19.71 31.16
CA PRO B 89 24.15 -19.53 32.58
C PRO B 89 25.08 -20.60 33.12
N GLU B 90 25.78 -20.26 34.21
CA GLU B 90 26.66 -21.20 34.88
C GLU B 90 25.85 -22.23 35.67
N PRO B 91 26.45 -23.38 36.01
CA PRO B 91 25.73 -24.38 36.81
C PRO B 91 25.29 -23.80 38.14
N THR B 92 24.13 -24.25 38.61
CA THR B 92 23.57 -23.81 39.88
C THR B 92 24.17 -24.62 41.03
N GLU B 93 23.79 -24.23 42.25
CA GLU B 93 24.28 -24.92 43.43
C GLU B 93 23.92 -26.41 43.41
N ALA B 94 22.69 -26.75 43.03
CA ALA B 94 22.32 -28.16 42.95
C ALA B 94 23.16 -28.90 41.92
N ASP B 95 23.44 -28.25 40.78
CA ASP B 95 24.30 -28.87 39.76
C ASP B 95 25.70 -29.07 40.29
N ARG B 96 26.25 -28.07 41.01
N ARG B 96 26.23 -28.05 40.99
CA ARG B 96 27.60 -28.21 41.54
CA ARG B 96 27.55 -28.13 41.58
C ARG B 96 27.69 -29.35 42.52
C ARG B 96 27.68 -29.33 42.51
N ILE B 97 26.68 -29.48 43.39
CA ILE B 97 26.71 -30.58 44.37
C ILE B 97 26.64 -31.93 43.68
N ALA B 98 25.85 -32.04 42.60
CA ALA B 98 25.80 -33.30 41.87
C ALA B 98 27.16 -33.63 41.27
N ILE B 99 27.79 -32.63 40.64
CA ILE B 99 29.09 -32.85 40.00
C ILE B 99 30.15 -33.23 41.03
N GLU B 100 30.09 -32.63 42.21
CA GLU B 100 31.05 -32.94 43.25
C GLU B 100 30.93 -34.38 43.74
N ASN B 101 29.76 -34.99 43.55
CA ASN B 101 29.55 -36.38 43.91
C ASN B 101 29.72 -37.32 42.72
N GLY B 102 30.24 -36.84 41.59
CA GLY B 102 30.43 -37.68 40.44
C GLY B 102 29.18 -38.01 39.66
N ASP B 103 28.07 -37.34 39.94
CA ASP B 103 26.80 -37.58 39.28
C ASP B 103 26.54 -36.56 38.19
N GLN B 104 25.64 -36.90 37.27
CA GLN B 104 25.28 -35.96 36.23
C GLN B 104 24.31 -34.92 36.80
N PRO B 105 24.56 -33.64 36.59
CA PRO B 105 23.62 -32.62 37.09
C PRO B 105 22.31 -32.65 36.30
N LEU B 106 21.25 -32.21 36.96
CA LEU B 106 19.96 -32.11 36.30
C LEU B 106 19.93 -30.94 35.33
N SER B 107 20.67 -29.87 35.65
CA SER B 107 20.78 -28.68 34.80
C SER B 107 19.40 -28.11 34.44
N ALA B 108 18.49 -28.11 35.41
CA ALA B 108 17.12 -27.72 35.12
C ALA B 108 17.04 -26.27 34.66
N GLU B 109 17.75 -25.36 35.34
CA GLU B 109 17.68 -23.95 34.97
C GLU B 109 18.32 -23.71 33.60
N LEU B 110 19.45 -24.38 33.34
CA LEU B 110 20.10 -24.26 32.04
C LEU B 110 19.20 -24.77 30.92
N LYS B 111 18.60 -25.94 31.11
CA LYS B 111 17.72 -26.49 30.07
C LYS B 111 16.51 -25.59 29.83
N ARG B 112 15.93 -25.02 30.89
CA ARG B 112 14.81 -24.12 30.71
C ARG B 112 15.22 -22.85 29.95
N PHE B 113 16.37 -22.29 30.31
CA PHE B 113 16.83 -21.07 29.64
C PHE B 113 17.09 -21.33 28.16
N ARG B 114 17.65 -22.50 27.83
CA ARG B 114 17.84 -22.86 26.41
C ARG B 114 16.49 -22.96 25.71
N LYS B 115 15.53 -23.65 26.33
CA LYS B 115 14.27 -23.95 25.67
C LYS B 115 13.38 -22.71 25.58
N GLU B 116 13.40 -21.85 26.59
CA GLU B 116 12.43 -20.77 26.68
C GLU B 116 13.01 -19.39 26.41
N TYR B 117 14.34 -19.24 26.41
CA TYR B 117 14.95 -17.97 26.04
C TYR B 117 15.82 -18.09 24.80
N ILE B 118 16.88 -18.91 24.83
CA ILE B 118 17.84 -18.90 23.73
C ILE B 118 17.19 -19.38 22.44
N GLN B 119 16.52 -20.53 22.47
CA GLN B 119 16.00 -21.04 21.20
C GLN B 119 14.93 -20.14 20.59
N PRO B 120 13.97 -19.60 21.36
CA PRO B 120 13.02 -18.68 20.72
C PRO B 120 13.67 -17.40 20.22
N VAL B 121 14.58 -16.78 20.99
CA VAL B 121 15.21 -15.55 20.51
C VAL B 121 16.03 -15.84 19.26
N GLN B 122 16.80 -16.93 19.26
CA GLN B 122 17.64 -17.22 18.11
C GLN B 122 16.79 -17.52 16.89
N LEU B 123 15.71 -18.27 17.07
CA LEU B 123 14.83 -18.56 15.93
C LEU B 123 14.19 -17.28 15.42
N ARG B 124 13.84 -16.36 16.32
CA ARG B 124 13.23 -15.13 15.87
C ARG B 124 14.24 -14.19 15.21
N VAL B 125 15.52 -14.24 15.63
CA VAL B 125 16.55 -13.56 14.87
C VAL B 125 16.64 -14.12 13.46
N LEU B 126 16.63 -15.45 13.34
CA LEU B 126 16.69 -16.05 12.02
C LEU B 126 15.46 -15.69 11.20
N ASN B 127 14.30 -15.53 11.84
CA ASN B 127 13.11 -15.11 11.10
C ASN B 127 13.26 -13.69 10.58
N VAL B 128 13.91 -12.81 11.34
CA VAL B 128 14.21 -11.48 10.82
C VAL B 128 15.12 -11.59 9.60
N CYS B 129 16.17 -12.41 9.69
CA CYS B 129 17.07 -12.61 8.55
C CYS B 129 16.31 -13.14 7.33
N ARG B 130 15.46 -14.14 7.57
CA ARG B 130 14.70 -14.73 6.47
C ARG B 130 13.79 -13.70 5.81
N HIS B 131 13.04 -12.93 6.61
CA HIS B 131 12.18 -11.90 6.04
C HIS B 131 13.00 -10.82 5.36
N TRP B 132 14.15 -10.48 5.92
CA TRP B 132 15.01 -9.45 5.34
C TRP B 132 15.44 -9.85 3.94
N VAL B 133 15.92 -11.10 3.80
CA VAL B 133 16.39 -11.59 2.51
C VAL B 133 15.23 -11.76 1.54
N GLU B 134 14.09 -12.29 2.01
CA GLU B 134 13.01 -12.63 1.08
C GLU B 134 12.26 -11.40 0.58
N HIS B 135 12.05 -10.41 1.47
CA HIS B 135 11.14 -9.33 1.16
C HIS B 135 11.80 -7.95 1.13
N HIS B 136 13.05 -7.85 1.53
CA HIS B 136 13.75 -6.56 1.52
C HIS B 136 15.15 -6.74 0.99
N PHE B 137 15.29 -7.56 -0.06
CA PHE B 137 16.59 -7.94 -0.57
C PHE B 137 17.34 -6.77 -1.18
N TYR B 138 16.66 -5.64 -1.45
CA TYR B 138 17.35 -4.51 -2.04
C TYR B 138 18.51 -4.01 -1.19
N ASP B 139 18.45 -4.18 0.13
CA ASP B 139 19.60 -3.81 0.95
C ASP B 139 20.86 -4.53 0.50
N PHE B 140 20.72 -5.81 0.13
CA PHE B 140 21.85 -6.63 -0.27
C PHE B 140 22.23 -6.41 -1.73
N GLU B 141 21.26 -6.08 -2.57
CA GLU B 141 21.59 -5.73 -3.96
C GLU B 141 22.41 -4.47 -4.02
N ARG B 142 22.19 -3.54 -3.09
CA ARG B 142 22.85 -2.25 -3.11
C ARG B 142 24.13 -2.24 -2.31
N ASP B 143 24.40 -3.29 -1.53
CA ASP B 143 25.59 -3.34 -0.68
C ASP B 143 26.07 -4.79 -0.68
N ALA B 144 26.98 -5.11 -1.60
CA ALA B 144 27.49 -6.48 -1.72
C ALA B 144 28.18 -6.94 -0.44
N TYR B 145 28.83 -6.04 0.28
CA TYR B 145 29.49 -6.44 1.51
C TYR B 145 28.49 -6.82 2.59
N LEU B 146 27.35 -6.12 2.66
CA LEU B 146 26.29 -6.53 3.56
C LEU B 146 25.86 -7.97 3.28
N LEU B 147 25.74 -8.31 2.00
CA LEU B 147 25.33 -9.67 1.65
C LEU B 147 26.39 -10.68 2.08
N GLN B 148 27.66 -10.37 1.87
CA GLN B 148 28.73 -11.25 2.34
C GLN B 148 28.63 -11.49 3.83
N ARG B 149 28.39 -10.42 4.61
CA ARG B 149 28.29 -10.57 6.06
C ARG B 149 27.10 -11.46 6.44
N MET B 150 25.97 -11.28 5.76
CA MET B 150 24.81 -12.12 6.05
C MET B 150 25.09 -13.58 5.71
N GLU B 151 25.69 -13.83 4.54
CA GLU B 151 26.00 -15.21 4.15
C GLU B 151 26.94 -15.87 5.17
N GLU B 152 27.91 -15.10 5.66
N GLU B 152 27.95 -15.11 5.62
CA GLU B 152 28.90 -15.63 6.60
CA GLU B 152 28.89 -15.64 6.60
C GLU B 152 28.30 -15.87 7.97
C GLU B 152 28.20 -15.93 7.93
N PHE B 153 27.38 -15.00 8.40
CA PHE B 153 26.67 -15.22 9.67
C PHE B 153 25.82 -16.49 9.59
N ILE B 154 24.94 -16.56 8.60
CA ILE B 154 24.04 -17.72 8.49
C ILE B 154 24.83 -18.99 8.32
N GLY B 155 25.87 -18.94 7.47
CA GLY B 155 26.63 -20.13 7.16
C GLY B 155 27.55 -20.61 8.24
N THR B 156 27.69 -19.87 9.34
CA THR B 156 28.50 -20.32 10.48
C THR B 156 27.70 -20.54 11.76
N VAL B 157 26.37 -20.52 11.69
CA VAL B 157 25.56 -20.88 12.86
C VAL B 157 25.69 -22.39 13.10
N ARG B 158 26.11 -22.76 14.30
CA ARG B 158 26.34 -24.16 14.64
C ARG B 158 25.17 -24.72 15.44
N GLY B 159 25.16 -26.03 15.59
CA GLY B 159 24.22 -26.61 16.52
C GLY B 159 22.90 -26.99 15.89
N LYS B 160 22.31 -28.09 16.36
CA LYS B 160 21.27 -28.76 15.59
C LYS B 160 19.91 -28.11 15.72
N ALA B 161 19.64 -27.32 16.77
CA ALA B 161 18.30 -26.78 16.93
C ALA B 161 17.94 -25.84 15.78
N MET B 162 18.92 -25.08 15.28
CA MET B 162 18.66 -24.10 14.21
C MET B 162 18.98 -24.64 12.82
N LYS B 163 19.51 -25.87 12.72
CA LYS B 163 20.12 -26.35 11.48
C LYS B 163 19.17 -26.32 10.29
N LYS B 164 17.92 -26.74 10.47
CA LYS B 164 16.99 -26.76 9.34
C LYS B 164 16.80 -25.36 8.76
N TRP B 165 16.70 -24.35 9.62
CA TRP B 165 16.43 -23.02 9.12
C TRP B 165 17.69 -22.36 8.58
N VAL B 166 18.85 -22.66 9.18
CA VAL B 166 20.11 -22.15 8.66
C VAL B 166 20.38 -22.69 7.26
N GLU B 167 20.18 -23.99 7.07
CA GLU B 167 20.40 -24.56 5.74
C GLU B 167 19.40 -24.01 4.74
N SER B 168 18.14 -23.80 5.17
CA SER B 168 17.15 -23.22 4.28
C SER B 168 17.50 -21.79 3.91
N ILE B 169 17.88 -20.98 4.89
CA ILE B 169 18.13 -19.57 4.59
C ILE B 169 19.34 -19.42 3.68
N THR B 170 20.35 -20.28 3.85
CA THR B 170 21.48 -20.27 2.93
C THR B 170 21.00 -20.49 1.49
N LYS B 171 20.12 -21.46 1.29
CA LYS B 171 19.62 -21.73 -0.07
C LYS B 171 18.77 -20.58 -0.59
N ILE B 172 17.94 -19.99 0.27
CA ILE B 172 17.10 -18.86 -0.14
C ILE B 172 17.97 -17.71 -0.62
N ILE B 173 19.04 -17.40 0.12
CA ILE B 173 19.95 -16.33 -0.29
C ILE B 173 20.55 -16.61 -1.66
N GLN B 174 21.02 -17.85 -1.86
CA GLN B 174 21.64 -18.18 -3.15
C GLN B 174 20.62 -18.07 -4.28
N ARG B 175 19.37 -18.46 -4.02
N ARG B 175 19.37 -18.44 -4.03
CA ARG B 175 18.32 -18.30 -5.02
CA ARG B 175 18.34 -18.29 -5.05
C ARG B 175 18.05 -16.83 -5.33
C ARG B 175 18.03 -16.82 -5.33
N LYS B 176 17.97 -16.00 -4.28
CA LYS B 176 17.68 -14.58 -4.48
C LYS B 176 18.76 -13.89 -5.29
N LYS B 177 20.00 -14.39 -5.22
CA LYS B 177 21.10 -13.76 -5.93
C LYS B 177 20.95 -13.91 -7.44
N ILE B 178 20.47 -15.06 -7.92
CA ILE B 178 20.35 -15.27 -9.36
C ILE B 178 18.96 -15.02 -9.90
N ALA B 179 18.03 -14.57 -9.05
CA ALA B 179 16.68 -14.28 -9.49
C ALA B 179 16.59 -12.85 -10.04
N ASN B 187 4.25 -17.75 -11.89
CA ASN B 187 3.34 -18.79 -12.37
C ASN B 187 2.03 -18.75 -11.57
N ILE B 188 0.90 -18.62 -12.29
CA ILE B 188 -0.40 -18.33 -11.69
C ILE B 188 -1.40 -19.41 -12.09
N THR B 189 -2.23 -19.84 -11.14
CA THR B 189 -3.30 -20.81 -11.42
C THR B 189 -4.65 -20.24 -10.97
N PHE B 190 -5.71 -20.51 -11.74
CA PHE B 190 -7.01 -19.88 -11.54
C PHE B 190 -8.16 -20.85 -11.33
N GLN B 191 -9.22 -20.33 -10.68
CA GLN B 191 -10.47 -21.06 -10.51
C GLN B 191 -11.20 -21.32 -11.83
N SER B 192 -10.95 -20.53 -12.87
CA SER B 192 -11.68 -20.67 -14.13
C SER B 192 -10.79 -20.21 -15.27
N SER B 193 -11.30 -20.33 -16.51
CA SER B 193 -10.59 -19.80 -17.66
C SER B 193 -10.93 -18.32 -17.86
N PRO B 194 -9.97 -17.53 -18.35
CA PRO B 194 -10.28 -16.14 -18.65
C PRO B 194 -11.25 -16.04 -19.79
N PRO B 195 -12.02 -14.95 -19.87
CA PRO B 195 -12.98 -14.80 -20.97
C PRO B 195 -12.28 -14.62 -22.30
N THR B 196 -13.04 -14.86 -23.36
CA THR B 196 -12.50 -14.74 -24.71
C THR B 196 -12.19 -13.27 -25.03
N VAL B 197 -11.06 -13.04 -25.69
CA VAL B 197 -10.68 -11.70 -26.12
C VAL B 197 -11.70 -11.19 -27.14
N GLU B 198 -12.15 -9.95 -26.98
CA GLU B 198 -13.18 -9.38 -27.85
C GLU B 198 -12.59 -8.45 -28.90
N TRP B 199 -13.13 -8.53 -30.12
CA TRP B 199 -12.67 -7.72 -31.25
C TRP B 199 -13.83 -6.98 -31.87
N HIS B 200 -13.53 -5.79 -32.42
CA HIS B 200 -14.51 -4.90 -33.01
C HIS B 200 -14.08 -4.62 -34.46
N ILE B 201 -13.78 -3.38 -34.82
CA ILE B 201 -13.41 -3.06 -36.21
C ILE B 201 -12.01 -3.54 -36.51
N SER B 202 -11.05 -3.22 -35.64
CA SER B 202 -9.69 -3.74 -35.80
C SER B 202 -9.70 -5.25 -35.59
N ARG B 203 -9.06 -5.98 -36.48
CA ARG B 203 -9.03 -7.43 -36.33
C ARG B 203 -7.65 -7.88 -35.83
N PRO B 204 -7.55 -9.10 -35.31
CA PRO B 204 -6.27 -9.56 -34.75
C PRO B 204 -5.13 -9.40 -35.74
N GLY B 205 -4.00 -8.87 -35.26
CA GLY B 205 -2.82 -8.69 -36.08
C GLY B 205 -2.76 -7.39 -36.86
N HIS B 206 -3.82 -6.59 -36.86
CA HIS B 206 -3.88 -5.37 -37.67
C HIS B 206 -3.65 -4.14 -36.80
N ILE B 207 -2.46 -4.10 -36.21
CA ILE B 207 -2.13 -3.12 -35.20
C ILE B 207 -2.18 -1.70 -35.77
N GLU B 208 -1.98 -1.55 -37.08
CA GLU B 208 -1.96 -0.23 -37.70
C GLU B 208 -3.33 0.44 -37.67
N THR B 209 -4.42 -0.32 -37.49
CA THR B 209 -5.75 0.26 -37.40
C THR B 209 -6.20 0.47 -35.97
N PHE B 210 -5.44 0.03 -34.97
CA PHE B 210 -5.85 0.15 -33.57
C PHE B 210 -6.06 1.61 -33.20
N ASP B 211 -7.16 1.88 -32.51
CA ASP B 211 -7.49 3.23 -32.06
C ASP B 211 -8.63 3.12 -31.05
N LEU B 212 -8.98 4.26 -30.48
CA LEU B 212 -10.01 4.30 -29.44
C LEU B 212 -11.33 3.69 -29.90
N LEU B 213 -11.75 3.99 -31.13
CA LEU B 213 -13.07 3.56 -31.59
C LEU B 213 -13.03 2.23 -32.36
N THR B 214 -11.85 1.77 -32.76
CA THR B 214 -11.75 0.55 -33.57
C THR B 214 -11.44 -0.70 -32.76
N LEU B 215 -10.73 -0.57 -31.64
CA LEU B 215 -10.64 -1.68 -30.69
C LEU B 215 -11.99 -1.82 -29.98
N HIS B 216 -12.24 -3.02 -29.46
CA HIS B 216 -13.47 -3.24 -28.72
C HIS B 216 -13.37 -2.54 -27.36
N PRO B 217 -14.36 -1.76 -26.95
CA PRO B 217 -14.22 -1.06 -25.66
C PRO B 217 -14.04 -2.01 -24.49
N ILE B 218 -14.65 -3.21 -24.53
CA ILE B 218 -14.41 -4.17 -23.46
C ILE B 218 -12.93 -4.52 -23.40
N GLU B 219 -12.32 -4.76 -24.55
CA GLU B 219 -10.93 -5.22 -24.58
C GLU B 219 -9.96 -4.09 -24.30
N ILE B 220 -10.30 -2.84 -24.68
CA ILE B 220 -9.51 -1.70 -24.22
C ILE B 220 -9.45 -1.69 -22.70
N ALA B 221 -10.61 -1.81 -22.06
CA ALA B 221 -10.61 -1.77 -20.59
C ALA B 221 -9.88 -2.95 -19.99
N ARG B 222 -10.02 -4.14 -20.58
CA ARG B 222 -9.33 -5.30 -20.03
C ARG B 222 -7.81 -5.17 -20.15
N GLN B 223 -7.32 -4.76 -21.33
CA GLN B 223 -5.89 -4.72 -21.54
C GLN B 223 -5.24 -3.58 -20.76
N LEU B 224 -5.94 -2.45 -20.64
CA LEU B 224 -5.44 -1.38 -19.78
C LEU B 224 -5.44 -1.83 -18.32
N THR B 225 -6.43 -2.63 -17.92
CA THR B 225 -6.45 -3.11 -16.53
C THR B 225 -5.29 -4.07 -16.26
N LEU B 226 -5.00 -4.98 -17.19
CA LEU B 226 -3.82 -5.84 -17.03
C LEU B 226 -2.54 -5.01 -16.94
N LEU B 227 -2.40 -4.01 -17.81
CA LEU B 227 -1.22 -3.15 -17.80
C LEU B 227 -1.11 -2.38 -16.49
N GLU B 228 -2.23 -1.78 -16.06
CA GLU B 228 -2.24 -0.95 -14.85
C GLU B 228 -2.10 -1.79 -13.60
N SER B 229 -2.66 -3.01 -13.61
CA SER B 229 -2.43 -3.94 -12.49
C SER B 229 -0.96 -4.31 -12.38
N ASP B 230 -0.33 -4.66 -13.50
CA ASP B 230 1.10 -4.98 -13.47
C ASP B 230 1.92 -3.80 -12.96
N LEU B 231 1.60 -2.59 -13.40
CA LEU B 231 2.33 -1.42 -12.92
C LEU B 231 2.13 -1.22 -11.42
N TYR B 232 0.88 -1.37 -10.96
CA TYR B 232 0.59 -1.26 -9.53
C TYR B 232 1.36 -2.30 -8.72
N ARG B 233 1.36 -3.55 -9.19
CA ARG B 233 1.97 -4.65 -8.45
C ARG B 233 3.50 -4.54 -8.39
N ALA B 234 4.11 -3.77 -9.29
CA ALA B 234 5.57 -3.67 -9.34
C ALA B 234 6.15 -2.69 -8.33
N VAL B 235 5.34 -1.86 -7.66
CA VAL B 235 5.87 -0.82 -6.78
C VAL B 235 6.24 -1.43 -5.44
N GLN B 236 7.51 -1.32 -5.05
CA GLN B 236 7.98 -1.86 -3.78
C GLN B 236 8.02 -0.77 -2.70
N PRO B 237 7.96 -1.17 -1.42
CA PRO B 237 8.01 -0.16 -0.35
C PRO B 237 9.28 0.67 -0.37
N SER B 238 10.39 0.13 -0.87
CA SER B 238 11.62 0.90 -0.99
C SER B 238 11.46 2.16 -1.81
N GLU B 239 10.46 2.21 -2.69
N GLU B 239 10.47 2.21 -2.70
CA GLU B 239 10.19 3.39 -3.51
CA GLU B 239 10.22 3.40 -3.50
C GLU B 239 9.36 4.43 -2.78
C GLU B 239 9.35 4.43 -2.77
N LEU B 240 8.90 4.12 -1.56
CA LEU B 240 7.95 4.96 -0.84
C LEU B 240 8.49 5.47 0.49
N VAL B 241 9.15 4.61 1.27
CA VAL B 241 9.59 5.05 2.59
C VAL B 241 10.62 6.17 2.44
N GLY B 242 10.58 7.12 3.38
CA GLY B 242 11.44 8.28 3.27
C GLY B 242 10.98 9.30 2.24
N SER B 243 9.78 9.14 1.70
CA SER B 243 9.19 10.06 0.71
C SER B 243 10.11 10.23 -0.49
N VAL B 244 10.83 9.17 -0.86
CA VAL B 244 11.91 9.32 -1.83
C VAL B 244 11.41 9.63 -3.23
N TRP B 245 10.13 9.36 -3.55
CA TRP B 245 9.61 9.67 -4.88
C TRP B 245 9.42 11.17 -5.09
N THR B 246 9.56 11.97 -4.03
CA THR B 246 9.42 13.42 -4.12
C THR B 246 10.77 14.13 -4.14
N LYS B 247 11.86 13.41 -3.90
CA LYS B 247 13.18 14.01 -3.68
C LYS B 247 13.99 14.02 -4.97
N GLU B 248 15.18 14.63 -4.89
CA GLU B 248 15.95 14.88 -6.11
C GLU B 248 16.34 13.59 -6.83
N ASP B 249 16.54 12.49 -6.09
CA ASP B 249 16.90 11.22 -6.72
C ASP B 249 15.70 10.33 -7.00
N LYS B 250 14.51 10.90 -7.17
CA LYS B 250 13.30 10.10 -7.37
C LYS B 250 13.42 9.13 -8.55
N GLU B 251 14.11 9.52 -9.62
CA GLU B 251 14.19 8.61 -10.77
C GLU B 251 15.00 7.38 -10.46
N ILE B 252 15.97 7.50 -9.54
CA ILE B 252 16.78 6.37 -9.11
C ILE B 252 16.02 5.51 -8.12
N ASN B 253 15.34 6.15 -7.17
CA ASN B 253 14.79 5.44 -6.03
C ASN B 253 13.36 4.97 -6.23
N SER B 254 12.60 5.59 -7.14
CA SER B 254 11.18 5.25 -7.30
C SER B 254 10.80 4.99 -8.76
N PRO B 255 11.60 4.21 -9.52
CA PRO B 255 11.34 4.08 -10.95
C PRO B 255 10.02 3.37 -11.28
N ASN B 256 9.64 2.34 -10.52
CA ASN B 256 8.37 1.67 -10.86
C ASN B 256 7.17 2.54 -10.53
N LEU B 257 7.23 3.25 -9.40
CA LEU B 257 6.13 4.17 -9.08
C LEU B 257 5.99 5.23 -10.16
N LEU B 258 7.11 5.83 -10.57
CA LEU B 258 7.02 6.90 -11.57
C LEU B 258 6.52 6.36 -12.91
N LYS B 259 6.93 5.14 -13.28
N LYS B 259 6.93 5.14 -13.29
CA LYS B 259 6.41 4.54 -14.51
CA LYS B 259 6.41 4.55 -14.52
C LYS B 259 4.90 4.38 -14.42
C LYS B 259 4.90 4.35 -14.43
N MET B 260 4.41 3.95 -13.25
CA MET B 260 2.97 3.79 -13.06
C MET B 260 2.26 5.12 -13.19
N ILE B 261 2.77 6.17 -12.54
CA ILE B 261 2.12 7.48 -12.62
C ILE B 261 2.17 8.02 -14.03
N ARG B 262 3.29 7.84 -14.73
CA ARG B 262 3.40 8.39 -16.07
C ARG B 262 2.48 7.69 -17.05
N HIS B 263 2.25 6.38 -16.85
CA HIS B 263 1.23 5.71 -17.65
C HIS B 263 -0.14 6.34 -17.43
N THR B 264 -0.51 6.54 -16.16
CA THR B 264 -1.81 7.14 -15.84
C THR B 264 -1.96 8.52 -16.48
N THR B 265 -0.92 9.34 -16.36
CA THR B 265 -0.95 10.67 -16.97
C THR B 265 -1.10 10.57 -18.48
N ASN B 266 -0.34 9.68 -19.10
CA ASN B 266 -0.41 9.54 -20.56
C ASN B 266 -1.79 9.11 -21.02
N LEU B 267 -2.43 8.19 -20.30
CA LEU B 267 -3.75 7.76 -20.72
C LEU B 267 -4.77 8.87 -20.57
N THR B 268 -4.70 9.63 -19.47
CA THR B 268 -5.61 10.77 -19.31
C THR B 268 -5.44 11.75 -20.45
N LEU B 269 -4.19 12.10 -20.76
CA LEU B 269 -3.94 13.02 -21.86
C LEU B 269 -4.39 12.44 -23.21
N TRP B 270 -4.26 11.13 -23.39
CA TRP B 270 -4.73 10.52 -24.64
C TRP B 270 -6.24 10.66 -24.78
N PHE B 271 -6.97 10.43 -23.68
CA PHE B 271 -8.42 10.61 -23.71
C PHE B 271 -8.77 12.04 -24.08
N GLU B 272 -8.11 13.02 -23.45
CA GLU B 272 -8.37 14.42 -23.77
C GLU B 272 -8.08 14.71 -25.23
N LYS B 273 -6.96 14.21 -25.74
CA LYS B 273 -6.58 14.43 -27.13
C LYS B 273 -7.58 13.81 -28.10
N CYS B 274 -8.02 12.57 -27.82
CA CYS B 274 -9.03 11.95 -28.67
C CYS B 274 -10.28 12.81 -28.75
N ILE B 275 -10.67 13.42 -27.62
CA ILE B 275 -11.89 14.20 -27.57
C ILE B 275 -11.74 15.50 -28.36
N VAL B 276 -10.74 16.33 -28.00
CA VAL B 276 -10.68 17.67 -28.59
C VAL B 276 -10.17 17.67 -30.03
N GLU B 277 -9.47 16.62 -30.46
CA GLU B 277 -9.09 16.54 -31.87
C GLU B 277 -10.19 15.98 -32.74
N THR B 278 -11.33 15.59 -32.16
CA THR B 278 -12.49 15.19 -32.93
C THR B 278 -13.37 16.41 -33.04
N GLU B 279 -13.22 17.15 -34.15
CA GLU B 279 -13.85 18.46 -34.25
C GLU B 279 -15.34 18.38 -34.57
N ASN B 280 -15.78 17.37 -35.32
CA ASN B 280 -17.20 17.20 -35.60
C ASN B 280 -17.94 16.84 -34.31
N LEU B 281 -19.02 17.56 -34.02
CA LEU B 281 -19.74 17.37 -32.75
C LEU B 281 -20.28 15.95 -32.61
N GLU B 282 -20.98 15.46 -33.63
CA GLU B 282 -21.53 14.11 -33.58
C GLU B 282 -20.44 13.06 -33.34
N GLU B 283 -19.32 13.19 -34.05
CA GLU B 283 -18.22 12.25 -33.81
C GLU B 283 -17.65 12.38 -32.41
N ARG B 284 -17.55 13.61 -31.91
CA ARG B 284 -16.99 13.82 -30.58
C ARG B 284 -17.88 13.23 -29.50
N VAL B 285 -19.20 13.30 -29.69
CA VAL B 285 -20.12 12.63 -28.78
C VAL B 285 -19.88 11.14 -28.78
N ALA B 286 -19.64 10.55 -29.96
CA ALA B 286 -19.34 9.12 -30.01
C ALA B 286 -18.04 8.79 -29.27
N VAL B 287 -17.05 9.67 -29.39
CA VAL B 287 -15.79 9.47 -28.68
C VAL B 287 -15.99 9.52 -27.17
N VAL B 288 -16.70 10.54 -26.67
CA VAL B 288 -16.90 10.64 -25.23
C VAL B 288 -17.75 9.47 -24.73
N SER B 289 -18.80 9.12 -25.49
N SER B 289 -18.80 9.11 -25.48
CA SER B 289 -19.64 7.98 -25.12
CA SER B 289 -19.63 7.98 -25.09
C SER B 289 -18.82 6.70 -25.02
C SER B 289 -18.82 6.70 -25.00
N ARG B 290 -17.87 6.51 -25.94
CA ARG B 290 -17.03 5.30 -25.90
C ARG B 290 -16.13 5.33 -24.67
N ILE B 291 -15.60 6.50 -24.31
CA ILE B 291 -14.74 6.60 -23.14
C ILE B 291 -15.53 6.29 -21.87
N ILE B 292 -16.80 6.73 -21.81
CA ILE B 292 -17.61 6.40 -20.63
C ILE B 292 -17.93 4.90 -20.59
N GLU B 293 -18.09 4.26 -21.75
CA GLU B 293 -18.25 2.80 -21.75
C GLU B 293 -16.99 2.12 -21.22
N ILE B 294 -15.81 2.59 -21.62
CA ILE B 294 -14.57 2.04 -21.07
C ILE B 294 -14.55 2.24 -19.56
N LEU B 295 -14.98 3.40 -19.10
N LEU B 295 -14.97 3.42 -19.10
CA LEU B 295 -15.06 3.65 -17.66
CA LEU B 295 -15.10 3.67 -17.67
C LEU B 295 -16.00 2.66 -16.98
C LEU B 295 -15.98 2.62 -17.00
N GLN B 296 -17.13 2.33 -17.62
CA GLN B 296 -18.06 1.36 -17.05
C GLN B 296 -17.38 0.00 -16.87
N VAL B 297 -16.54 -0.41 -17.83
CA VAL B 297 -15.87 -1.71 -17.69
C VAL B 297 -14.77 -1.63 -16.63
N PHE B 298 -14.05 -0.51 -16.57
CA PHE B 298 -13.11 -0.29 -15.47
C PHE B 298 -13.80 -0.48 -14.12
N GLN B 299 -14.98 0.11 -13.96
CA GLN B 299 -15.73 -0.06 -12.71
C GLN B 299 -16.05 -1.52 -12.44
N GLU B 300 -16.49 -2.24 -13.48
CA GLU B 300 -16.81 -3.65 -13.30
C GLU B 300 -15.59 -4.47 -12.90
N LEU B 301 -14.41 -4.08 -13.36
CA LEU B 301 -13.16 -4.77 -13.06
C LEU B 301 -12.49 -4.28 -11.78
N ASN B 302 -13.10 -3.35 -11.05
CA ASN B 302 -12.48 -2.70 -9.89
C ASN B 302 -11.14 -2.06 -10.24
N ASN B 303 -11.01 -1.54 -11.46
CA ASN B 303 -9.79 -0.79 -11.80
C ASN B 303 -10.05 0.67 -11.47
N PHE B 304 -9.77 1.03 -10.22
CA PHE B 304 -10.04 2.40 -9.79
C PHE B 304 -9.06 3.39 -10.38
N ASN B 305 -7.81 2.96 -10.62
CA ASN B 305 -6.89 3.82 -11.35
C ASN B 305 -7.47 4.21 -12.70
N GLY B 306 -8.01 3.23 -13.42
CA GLY B 306 -8.62 3.52 -14.73
C GLY B 306 -9.84 4.41 -14.63
N VAL B 307 -10.71 4.16 -13.64
CA VAL B 307 -11.85 5.04 -13.41
C VAL B 307 -11.38 6.49 -13.29
N LEU B 308 -10.37 6.73 -12.46
CA LEU B 308 -9.95 8.11 -12.22
C LEU B 308 -9.19 8.69 -13.40
N GLU B 309 -8.52 7.85 -14.19
CA GLU B 309 -7.91 8.32 -15.45
C GLU B 309 -8.96 8.95 -16.34
N VAL B 310 -10.14 8.32 -16.43
CA VAL B 310 -11.23 8.86 -17.24
C VAL B 310 -11.80 10.10 -16.60
N VAL B 311 -12.10 10.03 -15.30
CA VAL B 311 -12.68 11.17 -14.60
C VAL B 311 -11.77 12.38 -14.69
N SER B 312 -10.45 12.19 -14.52
CA SER B 312 -9.51 13.30 -14.63
C SER B 312 -9.56 13.92 -16.02
N ALA B 313 -9.73 13.09 -17.05
CA ALA B 313 -9.82 13.66 -18.40
C ALA B 313 -11.10 14.47 -18.57
N MET B 314 -12.22 13.96 -18.07
CA MET B 314 -13.49 14.66 -18.27
C MET B 314 -13.57 15.93 -17.44
N ASN B 315 -12.77 16.05 -16.38
CA ASN B 315 -12.72 17.27 -15.59
C ASN B 315 -11.55 18.18 -15.96
N SER B 316 -10.77 17.83 -16.98
CA SER B 316 -9.68 18.69 -17.40
C SER B 316 -10.23 19.97 -18.01
N SER B 317 -9.41 21.02 -17.98
CA SER B 317 -9.87 22.28 -18.58
C SER B 317 -10.32 22.16 -20.04
N PRO B 318 -9.63 21.43 -20.93
CA PRO B 318 -10.12 21.37 -22.32
C PRO B 318 -11.45 20.65 -22.48
N VAL B 319 -11.71 19.61 -21.69
CA VAL B 319 -12.91 18.80 -21.91
C VAL B 319 -14.09 19.33 -21.12
N TYR B 320 -13.84 19.76 -19.88
CA TYR B 320 -14.93 20.11 -18.97
C TYR B 320 -15.84 21.16 -19.58
N ARG B 321 -15.27 22.10 -20.34
CA ARG B 321 -16.04 23.23 -20.87
C ARG B 321 -16.87 22.89 -22.12
N LEU B 322 -16.87 21.64 -22.58
CA LEU B 322 -17.56 21.27 -23.83
C LEU B 322 -19.04 20.98 -23.59
N ASP B 323 -19.77 22.06 -23.30
CA ASP B 323 -21.20 21.97 -22.98
C ASP B 323 -22.02 21.33 -24.09
N HIS B 324 -21.71 21.65 -25.35
CA HIS B 324 -22.49 21.08 -26.45
C HIS B 324 -22.32 19.57 -26.54
N THR B 325 -21.13 19.09 -26.18
CA THR B 325 -20.89 17.65 -26.18
C THR B 325 -21.63 16.99 -25.02
N PHE B 326 -21.52 17.57 -23.83
CA PHE B 326 -22.20 17.03 -22.65
C PHE B 326 -23.69 16.92 -22.90
N GLU B 327 -24.28 17.93 -23.54
CA GLU B 327 -25.72 17.93 -23.77
C GLU B 327 -26.19 16.69 -24.52
N GLN B 328 -25.36 16.16 -25.42
CA GLN B 328 -25.80 15.05 -26.26
C GLN B 328 -25.44 13.68 -25.69
N ILE B 329 -24.74 13.62 -24.56
CA ILE B 329 -24.41 12.32 -23.96
C ILE B 329 -25.68 11.68 -23.42
N PRO B 330 -25.95 10.41 -23.70
CA PRO B 330 -27.15 9.76 -23.17
C PRO B 330 -27.25 9.88 -21.66
N SER B 331 -28.48 10.05 -21.16
N SER B 331 -28.48 9.94 -21.16
CA SER B 331 -28.67 10.32 -19.74
CA SER B 331 -28.71 10.09 -19.72
C SER B 331 -28.06 9.23 -18.87
C SER B 331 -28.08 8.96 -18.92
N ARG B 332 -28.19 7.97 -19.28
N ARG B 332 -28.18 7.72 -19.40
CA ARG B 332 -27.63 6.89 -18.47
CA ARG B 332 -27.62 6.61 -18.64
C ARG B 332 -26.11 7.01 -18.36
C ARG B 332 -26.09 6.71 -18.54
N GLN B 333 -25.45 7.47 -19.43
CA GLN B 333 -24.00 7.64 -19.38
C GLN B 333 -23.61 8.86 -18.57
N LYS B 334 -24.42 9.93 -18.62
CA LYS B 334 -24.20 11.03 -17.69
C LYS B 334 -24.20 10.52 -16.26
N LYS B 335 -25.13 9.61 -15.95
CA LYS B 335 -25.24 9.11 -14.58
C LYS B 335 -24.03 8.26 -14.21
N ILE B 336 -23.53 7.45 -15.15
CA ILE B 336 -22.33 6.66 -14.89
C ILE B 336 -21.14 7.56 -14.59
N LEU B 337 -20.97 8.61 -15.39
CA LEU B 337 -19.83 9.50 -15.19
C LEU B 337 -19.98 10.28 -13.89
N GLU B 338 -21.19 10.73 -13.58
N GLU B 338 -21.19 10.73 -13.57
CA GLU B 338 -21.42 11.48 -12.36
CA GLU B 338 -21.39 11.47 -12.32
C GLU B 338 -21.13 10.63 -11.12
C GLU B 338 -21.13 10.58 -11.11
N GLU B 339 -21.53 9.36 -11.14
N GLU B 339 -21.63 9.34 -11.13
CA GLU B 339 -21.30 8.51 -9.97
CA GLU B 339 -21.33 8.40 -10.05
C GLU B 339 -19.82 8.10 -9.85
C GLU B 339 -19.82 8.27 -9.86
N ALA B 340 -19.11 8.06 -10.97
CA ALA B 340 -17.65 7.89 -10.89
C ALA B 340 -16.99 9.14 -10.32
N HIS B 341 -17.41 10.32 -10.77
CA HIS B 341 -16.89 11.57 -10.21
C HIS B 341 -17.14 11.65 -8.70
N GLU B 342 -18.30 11.16 -8.25
CA GLU B 342 -18.63 11.26 -6.82
C GLU B 342 -17.70 10.42 -5.96
N LEU B 343 -17.00 9.44 -6.54
CA LEU B 343 -16.01 8.69 -5.76
C LEU B 343 -14.92 9.59 -5.20
N SER B 344 -14.54 10.63 -5.94
N SER B 344 -14.53 10.62 -5.95
CA SER B 344 -13.42 11.49 -5.54
CA SER B 344 -13.43 11.51 -5.58
C SER B 344 -13.85 12.66 -4.66
C SER B 344 -13.85 12.60 -4.61
N GLU B 345 -15.14 12.93 -4.57
CA GLU B 345 -15.61 14.08 -3.80
C GLU B 345 -15.35 13.88 -2.30
N ASP B 346 -15.30 15.00 -1.58
CA ASP B 346 -15.11 14.99 -0.13
C ASP B 346 -13.89 14.18 0.26
N HIS B 347 -12.75 14.47 -0.40
CA HIS B 347 -11.48 13.85 -0.07
C HIS B 347 -11.56 12.32 -0.23
N TYR B 348 -12.16 11.90 -1.36
CA TYR B 348 -12.24 10.50 -1.77
C TYR B 348 -13.05 9.65 -0.80
N LYS B 349 -14.01 10.25 -0.10
CA LYS B 349 -14.77 9.50 0.91
C LYS B 349 -15.41 8.24 0.31
N LYS B 350 -16.13 8.38 -0.82
CA LYS B 350 -16.82 7.20 -1.36
C LYS B 350 -15.85 6.23 -2.01
N TYR B 351 -14.77 6.74 -2.62
CA TYR B 351 -13.75 5.84 -3.15
C TYR B 351 -13.19 4.96 -2.04
N LEU B 352 -12.81 5.56 -0.91
CA LEU B 352 -12.18 4.78 0.15
C LEU B 352 -13.12 3.70 0.67
N ALA B 353 -14.40 4.05 0.83
CA ALA B 353 -15.39 3.05 1.25
C ALA B 353 -15.56 1.95 0.21
N LYS B 354 -15.56 2.31 -1.07
CA LYS B 354 -15.77 1.31 -2.12
C LYS B 354 -14.57 0.37 -2.21
N LEU B 355 -13.36 0.92 -2.17
CA LEU B 355 -12.15 0.07 -2.20
C LEU B 355 -12.18 -0.98 -1.10
N ARG B 356 -12.62 -0.59 0.10
CA ARG B 356 -12.66 -1.50 1.25
C ARG B 356 -13.84 -2.44 1.23
N SER B 357 -14.74 -2.31 0.25
CA SER B 357 -15.90 -3.19 0.17
C SER B 357 -15.82 -4.21 -0.95
N ILE B 358 -15.03 -3.96 -1.99
CA ILE B 358 -15.08 -4.83 -3.17
C ILE B 358 -14.34 -6.15 -2.93
N ASN B 359 -14.54 -7.08 -3.87
CA ASN B 359 -13.81 -8.35 -3.86
C ASN B 359 -12.66 -8.22 -4.85
N PRO B 360 -11.42 -8.25 -4.41
CA PRO B 360 -10.29 -8.14 -5.35
C PRO B 360 -10.30 -9.30 -6.33
N PRO B 361 -9.55 -9.20 -7.44
CA PRO B 361 -8.56 -8.17 -7.76
C PRO B 361 -9.11 -6.77 -8.04
N CYS B 362 -8.27 -5.79 -7.73
CA CYS B 362 -8.57 -4.40 -8.02
C CYS B 362 -7.26 -3.70 -8.36
N VAL B 363 -7.36 -2.49 -8.90
CA VAL B 363 -6.22 -1.61 -9.07
C VAL B 363 -6.52 -0.32 -8.32
N PRO B 364 -5.93 -0.14 -7.13
CA PRO B 364 -6.16 1.10 -6.39
C PRO B 364 -5.61 2.32 -7.11
N PHE B 365 -6.16 3.48 -6.76
CA PHE B 365 -5.52 4.75 -7.10
C PHE B 365 -4.37 4.99 -6.12
N PHE B 366 -3.14 5.14 -6.64
CA PHE B 366 -1.98 5.24 -5.75
C PHE B 366 -1.85 6.60 -5.07
N GLY B 367 -2.41 7.67 -5.65
CA GLY B 367 -2.08 9.00 -5.18
C GLY B 367 -2.44 9.25 -3.72
N ILE B 368 -3.53 8.65 -3.25
CA ILE B 368 -3.94 8.84 -1.86
C ILE B 368 -2.90 8.26 -0.92
N TYR B 369 -2.37 7.08 -1.25
CA TYR B 369 -1.32 6.47 -0.45
C TYR B 369 -0.10 7.37 -0.38
N LEU B 370 0.27 7.99 -1.51
CA LEU B 370 1.45 8.84 -1.55
C LEU B 370 1.27 10.04 -0.62
N THR B 371 0.13 10.71 -0.72
CA THR B 371 -0.12 11.86 0.14
C THR B 371 -0.12 11.45 1.62
N ASN B 372 -0.71 10.30 1.95
CA ASN B 372 -0.75 9.89 3.35
C ASN B 372 0.63 9.50 3.88
N ILE B 373 1.46 8.84 3.07
CA ILE B 373 2.82 8.53 3.51
C ILE B 373 3.62 9.81 3.71
N LEU B 374 3.55 10.72 2.74
N LEU B 374 3.56 10.72 2.75
CA LEU B 374 4.30 11.97 2.84
CA LEU B 374 4.32 11.96 2.85
C LEU B 374 3.91 12.78 4.06
C LEU B 374 3.91 12.75 4.10
N LYS B 375 2.61 12.90 4.31
CA LYS B 375 2.15 13.72 5.44
C LYS B 375 2.43 13.03 6.77
N THR B 376 2.38 11.70 6.81
CA THR B 376 2.79 11.00 8.03
C THR B 376 4.26 11.23 8.33
N GLU B 377 5.10 11.19 7.29
N GLU B 377 5.10 11.23 7.29
CA GLU B 377 6.53 11.43 7.48
CA GLU B 377 6.53 11.42 7.53
C GLU B 377 6.77 12.86 7.93
C GLU B 377 6.87 12.87 7.85
N GLU B 378 6.14 13.82 7.26
CA GLU B 378 6.43 15.23 7.51
C GLU B 378 5.80 15.71 8.82
N GLY B 379 4.72 15.09 9.25
CA GLY B 379 3.93 15.58 10.36
C GLY B 379 4.24 14.98 11.70
N ASN B 380 5.23 14.08 11.79
CA ASN B 380 5.58 13.42 13.04
C ASN B 380 7.08 13.45 13.24
N PRO B 381 7.55 13.62 14.47
CA PRO B 381 8.99 13.72 14.70
C PRO B 381 9.69 12.37 14.64
N GLU B 382 10.95 12.41 14.22
CA GLU B 382 11.76 11.19 14.18
C GLU B 382 12.02 10.63 15.57
N VAL B 383 12.18 11.50 16.57
CA VAL B 383 12.49 11.04 17.91
C VAL B 383 11.54 11.69 18.91
N LEU B 384 11.37 11.02 20.05
CA LEU B 384 10.70 11.58 21.20
C LEU B 384 11.74 11.77 22.31
N LYS B 385 11.74 12.93 22.95
CA LYS B 385 12.68 13.22 24.02
C LYS B 385 12.00 12.92 25.36
N ARG B 386 12.60 12.00 26.12
CA ARG B 386 12.03 11.56 27.40
C ARG B 386 13.16 11.35 28.39
N HIS B 387 13.05 12.01 29.54
CA HIS B 387 14.00 11.83 30.64
C HIS B 387 15.45 12.06 30.18
N GLY B 388 15.63 13.07 29.34
CA GLY B 388 16.94 13.39 28.80
C GLY B 388 17.44 12.47 27.71
N LYS B 389 16.66 11.46 27.32
CA LYS B 389 17.06 10.52 26.28
C LYS B 389 16.28 10.81 25.00
N GLU B 390 16.89 10.48 23.87
CA GLU B 390 16.18 10.53 22.60
C GLU B 390 15.78 9.10 22.26
N LEU B 391 14.48 8.88 22.11
CA LEU B 391 13.94 7.57 21.75
C LEU B 391 13.43 7.63 20.31
N ILE B 392 13.61 6.53 19.58
CA ILE B 392 13.06 6.47 18.23
C ILE B 392 11.54 6.48 18.30
N ASN B 393 10.91 7.38 17.54
CA ASN B 393 9.45 7.44 17.49
C ASN B 393 8.97 6.32 16.58
N PHE B 394 8.67 5.16 17.17
CA PHE B 394 8.28 4.03 16.33
C PHE B 394 6.83 4.11 15.87
N SER B 395 5.97 4.79 16.63
N SER B 395 5.97 4.78 16.64
N SER B 395 5.96 4.81 16.61
CA SER B 395 4.58 4.96 16.22
CA SER B 395 4.58 4.97 16.22
CA SER B 395 4.57 4.92 16.19
C SER B 395 4.50 5.56 14.82
C SER B 395 4.50 5.56 14.82
C SER B 395 4.44 5.64 14.85
N LYS B 396 5.39 6.50 14.51
CA LYS B 396 5.41 7.12 13.18
C LYS B 396 5.73 6.08 12.11
N ARG B 397 6.69 5.19 12.38
CA ARG B 397 7.03 4.16 11.41
C ARG B 397 5.91 3.14 11.26
N ARG B 398 5.25 2.79 12.37
CA ARG B 398 4.10 1.90 12.27
C ARG B 398 3.02 2.48 11.36
N LYS B 399 2.75 3.79 11.47
CA LYS B 399 1.74 4.40 10.59
C LYS B 399 2.13 4.32 9.13
N VAL B 400 3.41 4.55 8.81
CA VAL B 400 3.86 4.41 7.42
C VAL B 400 3.70 2.97 6.96
N ALA B 401 4.08 2.01 7.80
CA ALA B 401 3.99 0.61 7.39
C ALA B 401 2.55 0.12 7.34
N GLU B 402 1.62 0.78 8.02
CA GLU B 402 0.22 0.42 7.82
C GLU B 402 -0.21 0.76 6.40
N ILE B 403 0.29 1.87 5.87
CA ILE B 403 -0.05 2.24 4.50
C ILE B 403 0.65 1.31 3.51
N THR B 404 1.95 1.05 3.70
CA THR B 404 2.61 0.14 2.76
C THR B 404 2.02 -1.27 2.86
N GLY B 405 1.55 -1.66 4.04
CA GLY B 405 0.87 -2.95 4.17
C GLY B 405 -0.43 -3.01 3.39
N GLU B 406 -1.19 -1.92 3.39
N GLU B 406 -1.21 -1.93 3.43
CA GLU B 406 -2.42 -1.90 2.61
CA GLU B 406 -2.43 -1.91 2.63
C GLU B 406 -2.11 -2.01 1.15
C GLU B 406 -2.12 -2.01 1.15
N ILE B 407 -1.13 -1.24 0.70
CA ILE B 407 -0.72 -1.31 -0.70
C ILE B 407 -0.40 -2.75 -1.07
N GLN B 408 0.43 -3.41 -0.25
CA GLN B 408 0.86 -4.77 -0.56
C GLN B 408 -0.32 -5.75 -0.57
N GLN B 409 -1.31 -5.54 0.30
CA GLN B 409 -2.44 -6.47 0.34
C GLN B 409 -3.16 -6.51 -1.01
N TYR B 410 -3.30 -5.36 -1.68
CA TYR B 410 -3.95 -5.34 -2.99
C TYR B 410 -3.03 -5.73 -4.13
N GLN B 411 -1.74 -5.94 -3.87
CA GLN B 411 -0.82 -6.38 -4.92
C GLN B 411 -0.83 -7.89 -5.10
N ASN B 412 -1.54 -8.64 -4.25
CA ASN B 412 -1.41 -10.09 -4.26
C ASN B 412 -2.27 -10.74 -5.33
N GLN B 413 -3.48 -10.22 -5.57
CA GLN B 413 -4.50 -10.91 -6.35
C GLN B 413 -4.33 -10.64 -7.84
N PRO B 414 -4.11 -11.64 -8.67
CA PRO B 414 -3.98 -11.42 -10.12
C PRO B 414 -5.32 -11.45 -10.83
N TYR B 415 -5.39 -10.69 -11.94
CA TYR B 415 -6.59 -10.70 -12.77
C TYR B 415 -6.65 -11.93 -13.66
N CYS B 416 -7.84 -12.53 -13.75
CA CYS B 416 -8.08 -13.66 -14.65
C CYS B 416 -8.54 -13.11 -16.00
N LEU B 417 -7.58 -12.52 -16.71
CA LEU B 417 -7.80 -11.93 -18.02
C LEU B 417 -6.64 -12.29 -18.90
N ARG B 418 -6.92 -12.59 -20.17
CA ARG B 418 -5.86 -12.97 -21.10
C ARG B 418 -5.21 -11.74 -21.72
N VAL B 419 -3.87 -11.72 -21.74
CA VAL B 419 -3.13 -10.67 -22.42
C VAL B 419 -3.31 -10.82 -23.93
N GLU B 420 -3.50 -9.69 -24.61
CA GLU B 420 -3.43 -9.60 -26.07
C GLU B 420 -2.17 -8.78 -26.35
N SER B 421 -1.14 -9.44 -26.89
N SER B 421 -1.12 -9.43 -26.88
CA SER B 421 0.19 -8.82 -26.95
CA SER B 421 0.19 -8.79 -26.91
C SER B 421 0.20 -7.55 -27.80
C SER B 421 0.21 -7.56 -27.81
N ASP B 422 -0.55 -7.55 -28.91
CA ASP B 422 -0.57 -6.38 -29.78
C ASP B 422 -1.34 -5.21 -29.14
N ILE B 423 -2.47 -5.49 -28.49
CA ILE B 423 -3.18 -4.40 -27.82
C ILE B 423 -2.35 -3.87 -26.66
N LYS B 424 -1.68 -4.77 -25.94
N LYS B 424 -1.69 -4.77 -25.94
CA LYS B 424 -0.80 -4.35 -24.85
CA LYS B 424 -0.80 -4.37 -24.86
C LYS B 424 0.29 -3.43 -25.36
C LYS B 424 0.29 -3.43 -25.37
N ARG B 425 0.93 -3.80 -26.48
CA ARG B 425 1.99 -2.98 -27.05
C ARG B 425 1.47 -1.62 -27.49
N PHE B 426 0.26 -1.61 -28.06
CA PHE B 426 -0.35 -0.34 -28.47
C PHE B 426 -0.48 0.62 -27.29
N PHE B 427 -0.94 0.13 -26.14
CA PHE B 427 -1.10 1.04 -25.02
C PHE B 427 0.22 1.33 -24.32
N GLU B 428 1.17 0.39 -24.36
CA GLU B 428 2.50 0.68 -23.80
C GLU B 428 3.21 1.78 -24.57
N ASN B 429 2.96 1.87 -25.88
CA ASN B 429 3.66 2.82 -26.73
C ASN B 429 2.87 4.10 -26.96
N LEU B 430 1.71 4.25 -26.32
CA LEU B 430 0.93 5.47 -26.45
C LEU B 430 1.76 6.68 -26.01
N ASN B 431 1.74 7.74 -26.81
CA ASN B 431 2.55 8.92 -26.54
C ASN B 431 1.85 10.16 -27.06
N PRO B 432 0.75 10.56 -26.41
CA PRO B 432 -0.05 11.68 -26.95
C PRO B 432 0.71 12.98 -27.07
N MET B 433 1.66 13.26 -26.18
N MET B 433 1.67 13.25 -26.18
CA MET B 433 2.40 14.52 -26.25
CA MET B 433 2.40 14.51 -26.24
C MET B 433 3.45 14.54 -27.35
C MET B 433 3.45 14.53 -27.35
N GLY B 434 3.83 13.37 -27.89
CA GLY B 434 4.86 13.38 -28.92
C GLY B 434 6.16 13.93 -28.37
N ASN B 435 6.82 14.80 -29.16
CA ASN B 435 8.03 15.48 -28.69
C ASN B 435 7.75 16.81 -27.99
N SER B 436 6.48 17.16 -27.79
CA SER B 436 6.13 18.45 -27.20
C SER B 436 6.37 18.45 -25.70
N MET B 437 6.74 19.62 -25.17
CA MET B 437 6.77 19.79 -23.73
C MET B 437 5.34 19.93 -23.18
N GLU B 438 5.22 19.76 -21.87
CA GLU B 438 3.91 19.67 -21.23
C GLU B 438 3.08 20.94 -21.44
N LYS B 439 3.67 22.12 -21.19
CA LYS B 439 2.89 23.34 -21.31
C LYS B 439 2.42 23.56 -22.75
N GLU B 440 3.34 23.45 -23.69
N GLU B 440 3.30 23.36 -23.71
CA GLU B 440 3.07 23.43 -25.13
CA GLU B 440 2.93 23.54 -25.11
C GLU B 440 1.84 22.57 -25.44
C GLU B 440 1.86 22.54 -25.53
N PHE B 441 1.87 21.32 -24.97
CA PHE B 441 0.84 20.36 -25.32
C PHE B 441 -0.49 20.69 -24.65
N THR B 442 -0.48 21.03 -23.37
CA THR B 442 -1.77 21.27 -22.73
C THR B 442 -2.37 22.61 -23.21
N ASP B 443 -1.54 23.57 -23.59
CA ASP B 443 -2.05 24.76 -24.27
C ASP B 443 -2.68 24.41 -25.62
N TYR B 444 -2.04 23.49 -26.35
CA TYR B 444 -2.61 23.03 -27.62
C TYR B 444 -3.99 22.42 -27.41
N LEU B 445 -4.13 21.55 -26.40
CA LEU B 445 -5.43 20.93 -26.14
C LEU B 445 -6.48 21.97 -25.80
N PHE B 446 -6.11 22.98 -25.01
CA PHE B 446 -7.08 24.00 -24.64
C PHE B 446 -7.46 24.85 -25.84
N ASN B 447 -6.48 25.17 -26.69
CA ASN B 447 -6.80 25.93 -27.90
C ASN B 447 -7.69 25.13 -28.84
N LYS B 448 -7.49 23.81 -28.92
N LYS B 448 -7.51 23.81 -28.88
CA LYS B 448 -8.42 22.99 -29.70
CA LYS B 448 -8.39 22.95 -29.66
C LYS B 448 -9.83 23.06 -29.12
C LYS B 448 -9.81 22.99 -29.11
N SER B 449 -9.95 22.97 -27.79
CA SER B 449 -11.26 23.08 -27.16
C SER B 449 -11.94 24.40 -27.54
N LEU B 450 -11.20 25.50 -27.50
CA LEU B 450 -11.75 26.79 -27.89
C LEU B 450 -12.14 26.82 -29.37
N GLU B 451 -11.40 26.11 -30.22
CA GLU B 451 -11.74 26.06 -31.64
C GLU B 451 -13.06 25.32 -31.87
N ILE B 452 -13.23 24.16 -31.25
CA ILE B 452 -14.37 23.29 -31.57
C ILE B 452 -15.64 23.75 -30.86
N GLU B 453 -15.55 24.39 -29.70
CA GLU B 453 -16.70 24.99 -29.04
C GLU B 453 -16.29 26.36 -28.51
N PRO B 454 -16.41 27.39 -29.32
CA PRO B 454 -15.94 28.73 -28.91
C PRO B 454 -16.71 29.29 -27.73
N ARG B 455 -16.07 30.18 -26.99
N ARG B 455 -16.06 30.18 -26.97
CA ARG B 455 -16.71 30.87 -25.88
CA ARG B 455 -16.71 30.87 -25.87
C ARG B 455 -17.90 31.68 -26.38
C ARG B 455 -17.89 31.69 -26.37
N ASN B 456 -18.99 31.63 -25.62
CA ASN B 456 -20.12 32.50 -25.92
C ASN B 456 -19.67 33.96 -25.85
N PRO B 457 -20.20 34.84 -26.72
CA PRO B 457 -21.28 34.60 -27.67
C PRO B 457 -20.83 34.21 -29.08
N LYS B 458 -19.60 33.73 -29.25
CA LYS B 458 -19.16 33.31 -30.57
C LYS B 458 -20.01 32.13 -31.04
N PRO B 459 -20.35 32.07 -32.32
CA PRO B 459 -21.22 30.99 -32.79
C PRO B 459 -20.48 29.66 -32.82
N LEU B 460 -21.25 28.59 -32.70
CA LEU B 460 -20.70 27.25 -32.79
C LEU B 460 -20.48 26.89 -34.26
N PRO B 461 -19.25 26.63 -34.69
CA PRO B 461 -19.02 26.25 -36.08
C PRO B 461 -19.39 24.79 -36.32
N ARG B 462 -19.41 24.43 -37.60
CA ARG B 462 -19.55 23.06 -38.05
C ARG B 462 -18.19 22.58 -38.56
N PHE B 463 -17.93 21.28 -38.42
CA PHE B 463 -16.66 20.70 -38.82
C PHE B 463 -16.92 19.40 -39.57
N PRO B 464 -16.05 19.05 -40.54
CA PRO B 464 -16.25 17.79 -41.27
C PRO B 464 -15.92 16.57 -40.40
N LYS B 465 -16.55 15.45 -40.77
CA LYS B 465 -16.24 14.17 -40.15
C LYS B 465 -14.81 13.75 -40.48
N LYS B 466 -14.19 13.00 -39.56
CA LYS B 466 -12.84 12.49 -39.76
C LYS B 466 -12.76 10.97 -39.75
N TYR B 467 -13.80 10.27 -39.29
CA TYR B 467 -13.76 8.80 -39.20
C TYR B 467 -14.54 8.21 -40.36
N SER B 468 -13.94 7.24 -41.05
CA SER B 468 -14.59 6.62 -42.19
C SER B 468 -15.33 5.34 -41.84
N TYR B 469 -15.20 4.85 -40.62
CA TYR B 469 -15.79 3.61 -40.17
C TYR B 469 -17.00 3.88 -39.27
N PRO B 470 -17.83 2.87 -39.01
CA PRO B 470 -19.04 3.10 -38.20
C PRO B 470 -18.68 3.56 -36.79
N LEU B 471 -19.45 4.52 -36.29
CA LEU B 471 -19.27 5.05 -34.94
C LEU B 471 -20.08 4.29 -33.89
N LYS B 472 -21.00 3.43 -34.31
CA LYS B 472 -21.84 2.73 -33.35
C LYS B 472 -21.00 1.81 -32.47
N SER B 473 -21.19 1.92 -31.15
CA SER B 473 -20.44 1.07 -30.25
C SER B 473 -20.97 -0.37 -30.27
N PRO B 474 -20.12 -1.37 -30.13
CA PRO B 474 -20.61 -2.74 -29.92
C PRO B 474 -21.12 -2.97 -28.51
N GLY B 475 -20.99 -1.98 -27.62
CA GLY B 475 -21.47 -2.12 -26.24
C GLY B 475 -20.44 -2.79 -25.37
N VAL B 476 -20.76 -2.87 -24.07
CA VAL B 476 -19.79 -3.42 -23.13
C VAL B 476 -20.32 -4.65 -22.39
N ARG B 477 -21.34 -5.30 -22.92
CA ARG B 477 -21.67 -6.61 -22.37
C ARG B 477 -20.92 -7.69 -23.15
N PRO B 478 -20.23 -8.61 -22.49
CA PRO B 478 -19.40 -9.58 -23.21
C PRO B 478 -20.23 -10.62 -23.95
N SER B 479 -19.60 -11.17 -24.99
CA SER B 479 -20.20 -12.21 -25.84
C SER B 479 -19.52 -13.54 -25.53
N ASN B 480 -20.19 -14.64 -25.84
CA ASN B 480 -19.63 -15.96 -25.55
C ASN B 480 -20.10 -16.96 -26.58
N PRO B 481 -19.34 -17.15 -27.66
CA PRO B 481 -19.59 -18.30 -28.54
C PRO B 481 -19.12 -19.58 -27.88
N ARG B 482 -19.54 -20.70 -28.45
CA ARG B 482 -19.13 -21.99 -27.92
C ARG B 482 -17.63 -22.18 -28.14
N GLY C 1 -25.50 26.88 8.58
CA GLY C 1 -25.07 27.93 9.50
C GLY C 1 -23.81 28.63 9.07
N MET C 2 -22.65 28.13 9.51
CA MET C 2 -21.40 28.83 9.27
C MET C 2 -20.87 28.53 7.87
N THR C 3 -20.16 29.52 7.33
CA THR C 3 -19.62 29.41 5.98
C THR C 3 -18.47 28.41 5.97
N GLU C 4 -18.40 27.62 4.91
CA GLU C 4 -17.28 26.71 4.67
C GLU C 4 -16.49 27.24 3.48
N TYR C 5 -15.17 27.34 3.62
CA TYR C 5 -14.31 27.79 2.55
C TYR C 5 -13.47 26.61 2.08
N LYS C 6 -13.52 26.35 0.78
CA LYS C 6 -12.74 25.27 0.20
C LYS C 6 -11.44 25.87 -0.33
N LEU C 7 -10.35 25.56 0.35
CA LEU C 7 -9.04 26.10 0.00
C LEU C 7 -8.17 25.00 -0.59
N VAL C 8 -7.33 25.37 -1.56
CA VAL C 8 -6.48 24.43 -2.27
C VAL C 8 -5.05 24.92 -2.20
N VAL C 9 -4.13 24.06 -1.74
CA VAL C 9 -2.70 24.34 -1.70
C VAL C 9 -2.06 23.80 -2.97
N VAL C 10 -1.32 24.63 -3.68
CA VAL C 10 -0.63 24.21 -4.88
C VAL C 10 0.83 24.63 -4.81
N GLY C 11 1.68 23.91 -5.51
CA GLY C 11 3.09 24.28 -5.57
C GLY C 11 3.97 23.08 -5.78
N ALA C 12 5.25 23.36 -6.03
CA ALA C 12 6.21 22.32 -6.34
C ALA C 12 6.31 21.29 -5.20
N GLY C 13 6.60 20.05 -5.59
CA GLY C 13 6.84 19.00 -4.62
C GLY C 13 8.27 18.97 -4.12
N GLY C 14 8.48 18.17 -3.08
CA GLY C 14 9.81 17.88 -2.58
C GLY C 14 10.46 18.98 -1.79
N VAL C 15 9.73 20.04 -1.45
CA VAL C 15 10.34 21.19 -0.77
C VAL C 15 9.49 21.66 0.42
N GLY C 16 8.81 20.72 1.09
CA GLY C 16 8.19 21.03 2.37
C GLY C 16 6.84 21.71 2.32
N LYS C 17 6.20 21.76 1.15
CA LYS C 17 4.88 22.37 1.00
C LYS C 17 3.87 21.87 2.03
N SER C 18 3.90 20.56 2.34
CA SER C 18 2.89 19.97 3.21
C SER C 18 2.93 20.50 4.65
N ALA C 19 4.04 21.11 5.06
CA ALA C 19 4.15 21.61 6.43
C ALA C 19 3.15 22.71 6.72
N LEU C 20 2.74 23.47 5.70
N LEU C 20 2.71 23.43 5.69
CA LEU C 20 1.79 24.55 5.89
CA LEU C 20 1.80 24.56 5.89
C LEU C 20 0.50 24.04 6.51
C LEU C 20 0.45 24.11 6.45
N THR C 21 -0.17 23.12 5.82
CA THR C 21 -1.47 22.66 6.29
C THR C 21 -1.32 21.80 7.54
N ILE C 22 -0.27 20.98 7.61
CA ILE C 22 -0.03 20.17 8.81
C ILE C 22 0.08 21.07 10.03
N GLN C 23 0.88 22.15 9.93
CA GLN C 23 1.06 23.01 11.11
C GLN C 23 -0.21 23.76 11.47
N LEU C 24 -1.02 24.12 10.47
CA LEU C 24 -2.29 24.80 10.75
C LEU C 24 -3.24 23.88 11.47
N ILE C 25 -3.54 22.74 10.85
CA ILE C 25 -4.57 21.82 11.32
C ILE C 25 -4.13 21.11 12.57
N GLN C 26 -2.81 20.99 12.75
CA GLN C 26 -2.24 20.25 13.87
C GLN C 26 -2.88 20.69 15.16
N ASN C 27 -2.96 19.76 16.10
CA ASN C 27 -2.77 20.13 17.48
C ASN C 27 -1.59 21.07 17.44
N HIS C 28 -1.84 22.39 17.48
CA HIS C 28 -0.75 23.35 17.33
C HIS C 28 0.42 22.99 18.22
N PHE C 29 0.13 22.51 19.43
CA PHE C 29 1.12 22.35 20.50
C PHE C 29 1.52 20.91 20.76
N VAL C 30 1.10 19.95 19.94
CA VAL C 30 1.69 18.61 19.97
C VAL C 30 2.05 18.25 18.54
N ASP C 31 3.34 17.99 18.31
CA ASP C 31 3.86 17.75 16.97
C ASP C 31 3.54 16.30 16.61
N GLU C 32 2.38 16.12 15.98
CA GLU C 32 1.80 14.80 15.71
C GLU C 32 0.78 14.96 14.58
N TYR C 33 0.53 13.85 13.85
CA TYR C 33 -0.39 13.93 12.73
C TYR C 33 -0.75 12.53 12.24
N ASP C 34 -2.04 12.31 12.01
CA ASP C 34 -2.50 11.16 11.23
C ASP C 34 -3.34 11.70 10.09
N PRO C 35 -2.79 11.75 8.87
CA PRO C 35 -3.55 12.32 7.74
C PRO C 35 -4.69 11.43 7.28
N THR C 36 -4.72 10.16 7.71
CA THR C 36 -5.78 9.28 7.27
C THR C 36 -7.08 9.53 8.01
N ILE C 37 -7.02 10.35 9.06
CA ILE C 37 -8.15 10.55 9.94
C ILE C 37 -9.13 11.50 9.26
N GLU C 38 -10.32 10.98 8.95
CA GLU C 38 -11.49 11.75 8.60
C GLU C 38 -11.44 13.14 9.23
N ASP C 39 -11.30 14.15 8.38
CA ASP C 39 -11.26 15.55 8.82
C ASP C 39 -9.98 15.85 9.60
N SER C 40 -8.84 15.40 9.05
N SER C 40 -8.84 15.41 9.06
CA SER C 40 -7.53 15.95 9.37
CA SER C 40 -7.55 15.98 9.41
C SER C 40 -7.20 17.15 8.48
C SER C 40 -7.20 17.14 8.48
N TYR C 41 -8.20 17.66 7.77
CA TYR C 41 -8.03 18.74 6.80
C TYR C 41 -9.22 19.69 6.91
N ARG C 42 -9.97 19.62 8.00
CA ARG C 42 -11.05 20.54 8.30
C ARG C 42 -10.79 21.17 9.66
N LYS C 43 -10.99 22.48 9.74
CA LYS C 43 -10.69 23.20 10.97
C LYS C 43 -11.67 24.37 11.09
N GLN C 44 -12.31 24.46 12.24
CA GLN C 44 -13.17 25.59 12.55
C GLN C 44 -12.32 26.69 13.17
N VAL C 45 -12.45 27.90 12.62
CA VAL C 45 -11.63 29.03 13.02
C VAL C 45 -12.50 30.28 13.11
N VAL C 46 -12.00 31.29 13.81
CA VAL C 46 -12.64 32.59 13.91
C VAL C 46 -11.71 33.61 13.25
N ILE C 47 -12.18 34.23 12.17
CA ILE C 47 -11.41 35.21 11.42
C ILE C 47 -12.17 36.53 11.43
N ASP C 48 -11.56 37.54 12.04
CA ASP C 48 -12.18 38.86 12.18
C ASP C 48 -13.54 38.75 12.86
N GLY C 49 -13.60 37.92 13.90
CA GLY C 49 -14.81 37.76 14.68
C GLY C 49 -15.88 36.89 14.08
N GLU C 50 -15.66 36.32 12.89
CA GLU C 50 -16.65 35.51 12.20
C GLU C 50 -16.18 34.08 12.14
N THR C 51 -16.95 33.16 12.73
CA THR C 51 -16.60 31.75 12.74
C THR C 51 -16.88 31.12 11.39
N CYS C 52 -15.92 30.32 10.91
CA CYS C 52 -16.10 29.62 9.64
C CYS C 52 -15.35 28.29 9.71
N LEU C 53 -15.58 27.47 8.69
CA LEU C 53 -14.98 26.16 8.56
C LEU C 53 -14.04 26.17 7.36
N LEU C 54 -12.78 25.81 7.58
CA LEU C 54 -11.83 25.67 6.48
C LEU C 54 -11.78 24.21 6.05
N ASP C 55 -11.96 23.96 4.76
CA ASP C 55 -11.73 22.63 4.20
C ASP C 55 -10.54 22.76 3.26
N ILE C 56 -9.41 22.13 3.62
CA ILE C 56 -8.15 22.37 2.91
C ILE C 56 -7.80 21.13 2.12
N LEU C 57 -7.60 21.32 0.82
CA LEU C 57 -7.11 20.27 -0.06
C LEU C 57 -5.63 20.49 -0.30
N ASP C 58 -4.81 19.54 0.14
CA ASP C 58 -3.37 19.57 -0.10
C ASP C 58 -2.99 18.19 -0.61
N THR C 59 -2.73 18.08 -1.91
CA THR C 59 -2.39 16.80 -2.53
C THR C 59 -0.89 16.56 -2.58
N ALA C 60 -0.13 17.19 -1.68
CA ALA C 60 1.30 16.99 -1.58
C ALA C 60 1.65 15.51 -1.77
N GLY C 61 2.63 15.26 -2.62
CA GLY C 61 3.06 13.92 -2.96
C GLY C 61 2.50 13.41 -4.27
N GLN C 62 1.45 14.05 -4.80
CA GLN C 62 0.83 13.64 -6.05
C GLN C 62 1.24 14.53 -7.22
N GLU C 63 2.35 15.26 -7.08
CA GLU C 63 2.73 16.24 -8.11
C GLU C 63 2.95 15.59 -9.48
N GLU C 64 3.38 14.33 -9.52
CA GLU C 64 3.64 13.70 -10.80
C GLU C 64 2.35 13.37 -11.56
N TYR C 65 1.20 13.31 -10.88
CA TYR C 65 -0.09 13.16 -11.55
C TYR C 65 -0.52 14.51 -12.12
N SER C 66 0.22 14.98 -13.12
CA SER C 66 0.04 16.34 -13.60
C SER C 66 -1.29 16.54 -14.31
N ALA C 67 -1.88 15.46 -14.86
CA ALA C 67 -3.15 15.62 -15.54
C ALA C 67 -4.33 15.63 -14.58
N MET C 68 -4.09 15.44 -13.28
CA MET C 68 -5.13 15.58 -12.28
C MET C 68 -5.21 16.98 -11.67
N ARG C 69 -4.26 17.86 -12.01
CA ARG C 69 -4.24 19.18 -11.37
C ARG C 69 -5.52 19.95 -11.63
N ASP C 70 -6.03 19.90 -12.87
CA ASP C 70 -7.25 20.63 -13.18
C ASP C 70 -8.40 20.17 -12.29
N GLN C 71 -8.59 18.85 -12.20
CA GLN C 71 -9.67 18.31 -11.38
C GLN C 71 -9.55 18.78 -9.94
N TYR C 72 -8.36 18.66 -9.36
CA TYR C 72 -8.16 19.09 -7.97
C TYR C 72 -8.38 20.60 -7.81
N MET C 73 -7.85 21.41 -8.72
CA MET C 73 -8.00 22.86 -8.60
C MET C 73 -9.44 23.29 -8.72
N ARG C 74 -10.22 22.59 -9.55
CA ARG C 74 -11.61 22.96 -9.79
C ARG C 74 -12.41 23.00 -8.48
N THR C 75 -12.01 22.20 -7.49
CA THR C 75 -12.76 22.14 -6.23
C THR C 75 -12.61 23.39 -5.38
N GLY C 76 -11.63 24.26 -5.66
CA GLY C 76 -11.28 25.33 -4.72
C GLY C 76 -11.95 26.66 -4.98
N GLU C 77 -12.23 27.39 -3.89
CA GLU C 77 -12.63 28.79 -3.96
C GLU C 77 -11.45 29.74 -3.82
N GLY C 78 -10.38 29.31 -3.16
CA GLY C 78 -9.22 30.14 -2.94
C GLY C 78 -8.00 29.25 -2.92
N PHE C 79 -6.85 29.83 -3.28
CA PHE C 79 -5.65 29.04 -3.52
C PHE C 79 -4.46 29.64 -2.79
N LEU C 80 -3.66 28.78 -2.16
CA LEU C 80 -2.35 29.16 -1.66
C LEU C 80 -1.34 28.62 -2.65
N CYS C 81 -0.60 29.53 -3.31
CA CYS C 81 0.45 29.13 -4.25
C CYS C 81 1.78 29.20 -3.51
N VAL C 82 2.38 28.04 -3.24
CA VAL C 82 3.49 27.90 -2.31
C VAL C 82 4.77 27.60 -3.07
N PHE C 83 5.85 28.31 -2.72
CA PHE C 83 7.18 27.97 -3.18
C PHE C 83 8.10 27.94 -1.98
N ALA C 84 9.28 27.32 -2.15
CA ALA C 84 10.27 27.25 -1.08
C ALA C 84 11.30 28.35 -1.30
N ILE C 85 11.64 29.07 -0.24
CA ILE C 85 12.54 30.22 -0.41
C ILE C 85 13.97 29.81 -0.69
N ASN C 86 14.31 28.52 -0.59
CA ASN C 86 15.62 28.06 -1.01
C ASN C 86 15.57 27.25 -2.29
N ASN C 87 14.50 27.37 -3.08
CA ASN C 87 14.38 26.62 -4.34
C ASN C 87 13.85 27.55 -5.41
N THR C 88 14.77 28.12 -6.20
N THR C 88 14.77 28.10 -6.22
CA THR C 88 14.40 29.10 -7.21
CA THR C 88 14.39 29.10 -7.21
C THR C 88 13.43 28.52 -8.24
C THR C 88 13.45 28.52 -8.26
N LYS C 89 13.63 27.26 -8.63
CA LYS C 89 12.73 26.63 -9.59
C LYS C 89 11.28 26.64 -9.09
N SER C 90 11.06 26.33 -7.80
CA SER C 90 9.70 26.33 -7.27
C SER C 90 9.08 27.73 -7.35
N PHE C 91 9.91 28.78 -7.21
CA PHE C 91 9.42 30.15 -7.35
C PHE C 91 9.09 30.45 -8.80
N GLU C 92 9.96 30.01 -9.72
CA GLU C 92 9.71 30.21 -11.15
C GLU C 92 8.48 29.46 -11.63
N ASP C 93 8.09 28.37 -10.96
CA ASP C 93 6.88 27.61 -11.29
C ASP C 93 5.60 28.38 -10.98
N ILE C 94 5.65 29.42 -10.14
CA ILE C 94 4.43 30.04 -9.64
C ILE C 94 3.59 30.60 -10.79
N HIS C 95 4.24 31.24 -11.77
CA HIS C 95 3.50 31.84 -12.87
C HIS C 95 2.58 30.83 -13.54
N GLN C 96 3.10 29.63 -13.82
CA GLN C 96 2.28 28.64 -14.52
C GLN C 96 1.18 28.09 -13.63
N TYR C 97 1.42 27.94 -12.33
CA TYR C 97 0.34 27.53 -11.42
C TYR C 97 -0.78 28.56 -11.44
N ARG C 98 -0.44 29.85 -11.38
CA ARG C 98 -1.47 30.88 -11.39
C ARG C 98 -2.24 30.88 -12.71
N GLU C 99 -1.53 30.75 -13.83
CA GLU C 99 -2.22 30.68 -15.12
C GLU C 99 -3.16 29.49 -15.19
N GLN C 100 -2.75 28.36 -14.61
CA GLN C 100 -3.59 27.17 -14.65
C GLN C 100 -4.83 27.34 -13.77
N ILE C 101 -4.68 27.96 -12.60
CA ILE C 101 -5.83 28.25 -11.74
C ILE C 101 -6.83 29.16 -12.47
N LYS C 102 -6.32 30.22 -13.10
CA LYS C 102 -7.21 31.15 -13.81
C LYS C 102 -7.97 30.44 -14.91
N ARG C 103 -7.30 29.51 -15.61
CA ARG C 103 -7.97 28.75 -16.66
C ARG C 103 -9.03 27.82 -16.10
N VAL C 104 -8.72 27.06 -15.04
N VAL C 104 -8.70 27.07 -15.05
CA VAL C 104 -9.71 26.08 -14.57
CA VAL C 104 -9.64 26.10 -14.50
C VAL C 104 -10.89 26.77 -13.88
C VAL C 104 -10.87 26.79 -13.94
N LYS C 105 -10.66 27.93 -13.26
CA LYS C 105 -11.75 28.67 -12.65
C LYS C 105 -12.44 29.59 -13.65
N ASP C 106 -11.89 29.72 -14.85
CA ASP C 106 -12.39 30.60 -15.91
C ASP C 106 -12.59 32.02 -15.39
N SER C 107 -11.56 32.54 -14.73
CA SER C 107 -11.65 33.88 -14.15
C SER C 107 -10.26 34.48 -14.10
N ASP C 108 -10.18 35.78 -14.37
CA ASP C 108 -8.93 36.50 -14.22
C ASP C 108 -8.70 37.00 -12.81
N ASP C 109 -9.67 36.83 -11.91
CA ASP C 109 -9.60 37.35 -10.55
C ASP C 109 -10.03 36.24 -9.57
N VAL C 110 -9.14 35.30 -9.33
CA VAL C 110 -9.38 34.18 -8.43
C VAL C 110 -8.71 34.50 -7.09
N PRO C 111 -9.39 34.35 -5.96
CA PRO C 111 -8.73 34.59 -4.66
C PRO C 111 -7.52 33.70 -4.50
N MET C 112 -6.36 34.32 -4.26
CA MET C 112 -5.15 33.53 -4.06
C MET C 112 -4.13 34.35 -3.29
N VAL C 113 -3.21 33.63 -2.65
CA VAL C 113 -2.11 34.25 -1.93
C VAL C 113 -0.83 33.54 -2.37
N LEU C 114 0.26 34.29 -2.39
CA LEU C 114 1.58 33.75 -2.66
C LEU C 114 2.25 33.47 -1.32
N VAL C 115 2.77 32.26 -1.14
CA VAL C 115 3.38 31.87 0.13
C VAL C 115 4.81 31.43 -0.13
N GLY C 116 5.76 32.09 0.55
CA GLY C 116 7.14 31.67 0.53
C GLY C 116 7.45 30.90 1.80
N ASN C 117 7.83 29.64 1.64
CA ASN C 117 7.95 28.70 2.75
C ASN C 117 9.42 28.42 3.06
N LYS C 118 9.80 28.57 4.32
N LYS C 118 9.82 28.59 4.31
CA LYS C 118 11.16 28.25 4.77
CA LYS C 118 11.17 28.25 4.73
C LYS C 118 11.15 26.84 5.33
C LYS C 118 11.14 26.85 5.31
N CYS C 119 11.64 25.88 4.53
CA CYS C 119 11.51 24.48 4.88
C CYS C 119 12.76 23.89 5.51
N ASP C 120 13.88 24.59 5.50
CA ASP C 120 15.06 24.13 6.22
C ASP C 120 16.01 25.30 6.42
N LEU C 121 17.24 24.99 6.85
CA LEU C 121 18.27 26.00 7.09
C LEU C 121 19.20 26.17 5.90
N ALA C 122 18.97 25.46 4.79
CA ALA C 122 19.72 25.71 3.57
C ALA C 122 19.52 27.16 3.15
N ALA C 123 20.51 27.71 2.45
CA ALA C 123 20.56 29.14 2.21
C ALA C 123 19.39 29.59 1.35
N ARG C 124 18.77 30.71 1.74
CA ARG C 124 17.71 31.29 0.93
C ARG C 124 18.24 31.71 -0.43
N THR C 125 17.47 31.43 -1.49
CA THR C 125 17.84 31.85 -2.83
C THR C 125 16.82 32.78 -3.47
N VAL C 126 15.63 32.92 -2.90
CA VAL C 126 14.61 33.86 -3.36
C VAL C 126 14.48 34.91 -2.27
N GLU C 127 14.85 36.15 -2.57
CA GLU C 127 14.75 37.21 -1.56
C GLU C 127 13.31 37.67 -1.46
N SER C 128 12.96 38.16 -0.25
N SER C 128 12.96 38.21 -0.28
CA SER C 128 11.65 38.74 0.02
CA SER C 128 11.59 38.65 -0.07
C SER C 128 11.23 39.70 -1.08
C SER C 128 11.19 39.75 -1.04
N ARG C 129 12.13 40.61 -1.46
CA ARG C 129 11.77 41.65 -2.42
C ARG C 129 11.35 41.06 -3.76
N GLN C 130 12.03 40.00 -4.21
CA GLN C 130 11.62 39.36 -5.47
C GLN C 130 10.20 38.83 -5.38
N ALA C 131 9.87 38.20 -4.25
CA ALA C 131 8.54 37.61 -4.11
C ALA C 131 7.49 38.69 -3.92
N GLN C 132 7.81 39.75 -3.17
CA GLN C 132 6.88 40.87 -3.05
C GLN C 132 6.60 41.50 -4.41
N ASP C 133 7.63 41.68 -5.23
CA ASP C 133 7.42 42.26 -6.55
C ASP C 133 6.53 41.37 -7.41
N LEU C 134 6.76 40.05 -7.36
CA LEU C 134 5.90 39.13 -8.11
C LEU C 134 4.46 39.23 -7.63
N ALA C 135 4.25 39.16 -6.31
CA ALA C 135 2.90 39.25 -5.77
C ALA C 135 2.22 40.56 -6.16
N ARG C 136 2.96 41.68 -6.11
CA ARG C 136 2.37 42.95 -6.49
C ARG C 136 2.00 42.96 -7.96
N SER C 137 2.83 42.36 -8.81
CA SER C 137 2.50 42.33 -10.24
C SER C 137 1.21 41.55 -10.50
N TYR C 138 0.88 40.60 -9.63
CA TYR C 138 -0.36 39.83 -9.72
C TYR C 138 -1.52 40.45 -8.96
N GLY C 139 -1.27 41.44 -8.11
CA GLY C 139 -2.33 41.97 -7.28
C GLY C 139 -2.76 41.07 -6.15
N ILE C 140 -1.85 40.28 -5.58
CA ILE C 140 -2.20 39.34 -4.51
C ILE C 140 -1.26 39.53 -3.33
N PRO C 141 -1.68 39.10 -2.14
CA PRO C 141 -0.81 39.19 -0.96
C PRO C 141 0.35 38.21 -1.02
N TYR C 142 1.41 38.55 -0.28
CA TYR C 142 2.57 37.67 -0.08
C TYR C 142 2.73 37.42 1.41
N ILE C 143 2.85 36.15 1.79
CA ILE C 143 3.07 35.75 3.18
C ILE C 143 4.27 34.82 3.20
N GLU C 144 5.19 35.02 4.14
CA GLU C 144 6.26 34.06 4.35
C GLU C 144 6.00 33.24 5.61
N THR C 145 6.33 31.95 5.53
CA THR C 145 6.03 31.01 6.60
C THR C 145 7.24 30.17 6.93
N SER C 146 7.31 29.70 8.17
CA SER C 146 8.33 28.73 8.58
C SER C 146 7.69 27.35 8.67
N ALA C 147 8.37 26.34 8.13
CA ALA C 147 7.88 24.97 8.20
C ALA C 147 8.17 24.32 9.54
N LYS C 148 8.86 25.03 10.43
CA LYS C 148 9.27 24.46 11.70
C LYS C 148 8.71 25.18 12.92
N THR C 149 8.49 26.50 12.86
CA THR C 149 8.09 27.27 14.02
C THR C 149 6.63 27.68 13.99
N ARG C 150 5.92 27.37 12.92
CA ARG C 150 4.53 27.75 12.67
C ARG C 150 4.37 29.23 12.39
N GLN C 151 5.46 30.01 12.33
CA GLN C 151 5.32 31.43 12.03
C GLN C 151 4.72 31.62 10.64
N GLY C 152 3.77 32.54 10.54
CA GLY C 152 3.15 32.88 9.25
C GLY C 152 2.04 31.97 8.81
N VAL C 153 1.87 30.81 9.43
CA VAL C 153 0.94 29.82 8.93
C VAL C 153 -0.50 30.33 9.02
N GLU C 154 -0.89 30.81 10.21
N GLU C 154 -0.89 30.80 10.21
CA GLU C 154 -2.25 31.35 10.35
CA GLU C 154 -2.23 31.36 10.37
C GLU C 154 -2.46 32.55 9.45
C GLU C 154 -2.45 32.53 9.43
N ASP C 155 -1.44 33.41 9.32
CA ASP C 155 -1.56 34.59 8.44
C ASP C 155 -1.83 34.18 7.00
N ALA C 156 -1.17 33.12 6.52
CA ALA C 156 -1.37 32.70 5.14
C ALA C 156 -2.82 32.30 4.90
N PHE C 157 -3.37 31.43 5.76
CA PHE C 157 -4.73 30.95 5.54
C PHE C 157 -5.76 32.04 5.82
N TYR C 158 -5.58 32.81 6.88
CA TYR C 158 -6.55 33.87 7.19
C TYR C 158 -6.55 34.95 6.12
N THR C 159 -5.36 35.31 5.62
CA THR C 159 -5.30 36.28 4.53
C THR C 159 -6.07 35.78 3.31
N LEU C 160 -5.93 34.48 2.98
CA LEU C 160 -6.68 33.95 1.85
C LEU C 160 -8.18 34.02 2.09
N VAL C 161 -8.64 33.69 3.31
CA VAL C 161 -10.07 33.78 3.60
C VAL C 161 -10.55 35.23 3.43
N ARG C 162 -9.74 36.19 3.85
CA ARG C 162 -10.10 37.59 3.65
C ARG C 162 -10.17 37.94 2.17
N GLU C 163 -9.28 37.37 1.35
CA GLU C 163 -9.37 37.59 -0.10
C GLU C 163 -10.68 37.03 -0.65
N ILE C 164 -11.12 35.88 -0.15
CA ILE C 164 -12.39 35.32 -0.60
C ILE C 164 -13.54 36.21 -0.17
N ARG C 165 -13.53 36.64 1.11
CA ARG C 165 -14.62 37.45 1.63
C ARG C 165 -14.74 38.78 0.92
N GLN C 166 -13.62 39.34 0.47
CA GLN C 166 -13.60 40.65 -0.15
C GLN C 166 -13.61 40.58 -1.67
N HIS C 167 -13.80 39.40 -2.25
CA HIS C 167 -13.79 39.26 -3.70
C HIS C 167 -14.94 40.05 -4.33
#